data_6HHX
#
_entry.id   6HHX
#
_cell.length_a   82.123
_cell.length_b   112.706
_cell.length_c   88.679
_cell.angle_alpha   90.000
_cell.angle_beta   104.400
_cell.angle_gamma   90.000
#
_symmetry.space_group_name_H-M   'P 1 21 1'
#
loop_
_entity.id
_entity.type
_entity.pdbx_description
1 polymer 'Aspartate--tRNA(Asp) ligase'
2 non-polymer "5'-O-(N-(L-aspartyl)-sulfamoyl)cytidine"
3 water water
#
_entity_poly.entity_id   1
_entity_poly.type   'polypeptide(L)'
_entity_poly.pdbx_seq_one_letter_code
;GMRRTHYAGSLRETHVGEEVVLEGWVNRRRDLGGLIFLDLRDREGLVQLVAHPASPAYATAERVRPEWVVRAKGLVRLRP
EPNPRLATGRVEVELSALEVLAEAKTPPFPVDAGWRGEEEKEASEELRLKYRYLDLRRRRMQENLRLRHRVIKAIWDFLD
REGFVQVETPFLTKSTPEGARDFLVPYRHEPGLFYALPQSPQLFKQMLMVAGLDRYFQIARCFRDEDLRADRQPDFTQLD
LEMSFVEVEDVLELNERLMAHVFREALGVELPLPFPRLSYEEAMERYGSDKPDLRFGLELKEVGPLFRQSGFRVFQEAES
VKALALPKALSRKEVAELEEVAKRHKAQGLAWARVEEGGFSGGVAKFLEPVREALLQATEARPGDTLLFVAGPRKVAATA
LGAVRLRAADLLGLKREGFRFLWVVDFPLLEWDEEEEAWTYMHHPFTSPHPEDLPLLEKDPGRVRALAYDLVLNGVEVGG
GSIRIHDPRLQARVFRLLGIGEEEQREKFGFFLEALEYGAPPHGGIAWGLDRLLALMTGSPSIREVIAFPKNKEGKDPLT
GAPSPVPEEQLRELGLMVVRP
;
_entity_poly.pdbx_strand_id   A,B
#
# COMPACT_ATOMS: atom_id res chain seq x y z
N GLY A 1 -3.94 -31.72 0.02
CA GLY A 1 -4.69 -30.53 -0.36
C GLY A 1 -5.71 -30.11 0.69
N MET A 2 -6.60 -29.19 0.31
CA MET A 2 -7.68 -28.74 1.19
C MET A 2 -8.67 -29.88 1.45
N ARG A 3 -9.35 -29.79 2.60
CA ARG A 3 -10.40 -30.75 2.90
C ARG A 3 -11.68 -30.47 2.12
N ARG A 4 -12.05 -29.20 1.94
CA ARG A 4 -13.27 -28.89 1.21
C ARG A 4 -13.06 -29.10 -0.29
N THR A 5 -14.10 -29.60 -0.95
CA THR A 5 -14.06 -29.79 -2.39
C THR A 5 -14.56 -28.57 -3.17
N HIS A 6 -15.37 -27.72 -2.53
CA HIS A 6 -15.96 -26.56 -3.19
C HIS A 6 -16.26 -25.49 -2.15
N TYR A 7 -16.31 -24.24 -2.60
CA TYR A 7 -17.02 -23.21 -1.85
C TYR A 7 -18.50 -23.57 -1.76
N ALA A 8 -19.06 -23.45 -0.56
CA ALA A 8 -20.48 -23.77 -0.36
C ALA A 8 -21.36 -23.02 -1.36
N GLY A 9 -21.13 -21.72 -1.52
CA GLY A 9 -21.99 -20.94 -2.39
C GLY A 9 -21.81 -21.16 -3.87
N SER A 10 -20.83 -21.96 -4.28
CA SER A 10 -20.56 -22.22 -5.70
C SER A 10 -21.30 -23.43 -6.26
N LEU A 11 -22.03 -24.19 -5.44
CA LEU A 11 -22.70 -25.37 -5.95
C LEU A 11 -23.88 -25.00 -6.84
N ARG A 12 -24.02 -25.73 -7.96
CA ARG A 12 -25.09 -25.53 -8.93
C ARG A 12 -25.60 -26.91 -9.37
N GLU A 13 -26.63 -26.90 -10.23
CA GLU A 13 -27.19 -28.16 -10.72
C GLU A 13 -26.13 -29.02 -11.40
N THR A 14 -25.09 -28.40 -11.96
CA THR A 14 -24.04 -29.18 -12.60
C THR A 14 -23.32 -30.10 -11.62
N HIS A 15 -23.42 -29.85 -10.31
CA HIS A 15 -22.75 -30.68 -9.29
C HIS A 15 -23.62 -31.81 -8.75
N VAL A 16 -24.83 -32.01 -9.29
CA VAL A 16 -25.70 -33.04 -8.76
C VAL A 16 -25.04 -34.41 -8.93
N GLY A 17 -25.10 -35.22 -7.87
CA GLY A 17 -24.50 -36.54 -7.89
C GLY A 17 -23.08 -36.60 -7.36
N GLU A 18 -22.38 -35.47 -7.25
CA GLU A 18 -21.05 -35.48 -6.66
C GLU A 18 -21.16 -35.52 -5.14
N GLU A 19 -20.19 -36.18 -4.51
CA GLU A 19 -20.04 -36.08 -3.07
C GLU A 19 -19.08 -34.93 -2.75
N VAL A 20 -19.53 -34.02 -1.89
CA VAL A 20 -18.80 -32.78 -1.63
C VAL A 20 -18.40 -32.75 -0.16
N VAL A 21 -17.41 -31.92 0.14
CA VAL A 21 -17.03 -31.60 1.51
C VAL A 21 -17.02 -30.08 1.62
N LEU A 22 -17.80 -29.55 2.55
CA LEU A 22 -17.97 -28.11 2.67
C LEU A 22 -17.61 -27.66 4.08
N GLU A 23 -17.19 -26.41 4.18
CA GLU A 23 -16.84 -25.78 5.44
C GLU A 23 -17.37 -24.37 5.45
N GLY A 24 -17.95 -23.96 6.57
CA GLY A 24 -18.55 -22.64 6.66
C GLY A 24 -19.28 -22.45 7.97
N TRP A 25 -20.18 -21.47 7.98
CA TRP A 25 -20.90 -21.04 9.17
C TRP A 25 -22.38 -21.38 9.04
N VAL A 26 -23.02 -21.72 10.15
CA VAL A 26 -24.46 -22.00 10.14
C VAL A 26 -25.22 -20.67 10.07
N ASN A 27 -25.79 -20.37 8.91
CA ASN A 27 -26.52 -19.11 8.73
C ASN A 27 -27.86 -19.15 9.46
N ARG A 28 -28.51 -20.31 9.48
CA ARG A 28 -29.83 -20.47 10.06
C ARG A 28 -30.16 -21.94 10.08
N ARG A 29 -31.02 -22.33 11.01
CA ARG A 29 -31.51 -23.69 11.14
C ARG A 29 -33.03 -23.67 11.19
N ARG A 30 -33.65 -24.64 10.53
CA ARG A 30 -35.10 -24.82 10.57
C ARG A 30 -35.43 -26.31 10.57
N ASP A 31 -36.41 -26.71 11.37
CA ASP A 31 -36.91 -28.07 11.38
C ASP A 31 -38.31 -28.07 10.78
N LEU A 32 -38.51 -28.84 9.72
CA LEU A 32 -39.83 -28.97 9.11
C LEU A 32 -40.04 -30.42 8.69
N GLY A 33 -41.20 -30.96 9.04
CA GLY A 33 -41.56 -32.31 8.60
C GLY A 33 -40.62 -33.40 9.07
N GLY A 34 -39.96 -33.21 10.20
CA GLY A 34 -38.97 -34.15 10.66
C GLY A 34 -37.59 -34.03 10.02
N LEU A 35 -37.45 -33.19 9.00
CA LEU A 35 -36.13 -32.90 8.44
C LEU A 35 -35.52 -31.69 9.13
N ILE A 36 -34.20 -31.66 9.18
CA ILE A 36 -33.44 -30.52 9.69
C ILE A 36 -32.76 -29.84 8.50
N PHE A 37 -33.08 -28.56 8.27
CA PHE A 37 -32.47 -27.79 7.20
C PHE A 37 -31.43 -26.83 7.80
N LEU A 38 -30.21 -26.92 7.30
CA LEU A 38 -29.14 -26.00 7.67
C LEU A 38 -28.71 -25.20 6.43
N ASP A 39 -28.83 -23.88 6.50
CA ASP A 39 -28.23 -23.03 5.48
C ASP A 39 -26.76 -22.83 5.86
N LEU A 40 -25.86 -23.44 5.08
CA LEU A 40 -24.42 -23.30 5.26
C LEU A 40 -23.90 -22.14 4.42
N ARG A 41 -23.02 -21.33 5.02
CA ARG A 41 -22.57 -20.07 4.44
C ARG A 41 -21.05 -20.02 4.30
N ASP A 42 -20.58 -19.61 3.12
CA ASP A 42 -19.23 -19.02 3.03
C ASP A 42 -19.30 -17.84 2.06
N ARG A 43 -18.13 -17.31 1.70
CA ARG A 43 -18.08 -16.04 0.99
C ARG A 43 -18.74 -16.10 -0.37
N GLU A 44 -18.92 -17.29 -0.95
CA GLU A 44 -19.60 -17.37 -2.24
C GLU A 44 -21.11 -17.51 -2.10
N GLY A 45 -21.65 -17.57 -0.89
CA GLY A 45 -23.09 -17.66 -0.69
C GLY A 45 -23.51 -18.86 0.13
N LEU A 46 -24.81 -19.10 0.16
CA LEU A 46 -25.45 -20.13 0.99
C LEU A 46 -25.76 -21.38 0.18
N VAL A 47 -25.72 -22.52 0.86
CA VAL A 47 -26.22 -23.78 0.30
C VAL A 47 -27.01 -24.53 1.36
N GLN A 48 -28.12 -25.12 0.95
CA GLN A 48 -28.99 -25.83 1.87
C GLN A 48 -28.43 -27.22 2.14
N LEU A 49 -28.20 -27.53 3.41
CA LEU A 49 -27.91 -28.90 3.84
C LEU A 49 -29.17 -29.47 4.46
N VAL A 50 -29.40 -30.76 4.25
CA VAL A 50 -30.58 -31.43 4.80
C VAL A 50 -30.11 -32.66 5.55
N ALA A 51 -30.56 -32.81 6.80
CA ALA A 51 -30.28 -33.97 7.62
C ALA A 51 -31.55 -34.79 7.74
N HIS A 52 -31.48 -36.05 7.28
CA HIS A 52 -32.62 -36.95 7.39
C HIS A 52 -32.52 -37.81 8.65
N PRO A 53 -33.66 -38.24 9.19
CA PRO A 53 -33.63 -38.99 10.46
C PRO A 53 -32.65 -40.16 10.49
N ALA A 54 -32.53 -40.90 9.39
CA ALA A 54 -31.64 -42.06 9.39
C ALA A 54 -30.16 -41.68 9.33
N SER A 55 -29.86 -40.42 9.05
CA SER A 55 -28.48 -40.03 8.76
C SER A 55 -27.63 -40.00 10.02
N PRO A 56 -26.35 -40.40 9.92
CA PRO A 56 -25.43 -40.22 11.05
C PRO A 56 -25.31 -38.78 11.54
N ALA A 57 -25.61 -37.79 10.70
CA ALA A 57 -25.42 -36.39 11.08
C ALA A 57 -26.64 -35.79 11.77
N TYR A 58 -27.66 -36.60 12.05
CA TYR A 58 -28.96 -36.07 12.45
C TYR A 58 -28.91 -35.42 13.84
N ALA A 59 -28.31 -36.10 14.82
CA ALA A 59 -28.23 -35.52 16.15
C ALA A 59 -27.33 -34.28 16.18
N THR A 60 -26.16 -34.34 15.52
CA THR A 60 -25.32 -33.16 15.39
C THR A 60 -26.10 -31.99 14.79
N ALA A 61 -26.85 -32.24 13.72
CA ALA A 61 -27.53 -31.15 13.04
C ALA A 61 -28.58 -30.50 13.94
N GLU A 62 -29.17 -31.26 14.85
CA GLU A 62 -30.18 -30.72 15.74
C GLU A 62 -29.57 -29.80 16.80
N ARG A 63 -28.32 -30.04 17.20
CA ARG A 63 -27.71 -29.22 18.24
C ARG A 63 -26.96 -28.00 17.71
N VAL A 64 -26.63 -27.92 16.42
CA VAL A 64 -25.88 -26.76 15.94
C VAL A 64 -26.75 -25.52 16.01
N ARG A 65 -26.12 -24.36 16.14
CA ARG A 65 -26.76 -23.08 16.33
C ARG A 65 -26.16 -22.07 15.36
N PRO A 66 -26.83 -20.94 15.15
CA PRO A 66 -26.31 -19.95 14.19
C PRO A 66 -24.86 -19.56 14.48
N GLU A 67 -24.11 -19.33 13.41
CA GLU A 67 -22.73 -18.87 13.40
C GLU A 67 -21.73 -19.91 13.91
N TRP A 68 -22.17 -21.12 14.25
CA TRP A 68 -21.22 -22.19 14.50
C TRP A 68 -20.48 -22.52 13.21
N VAL A 69 -19.20 -22.88 13.33
CA VAL A 69 -18.40 -23.29 12.18
C VAL A 69 -18.43 -24.81 12.10
N VAL A 70 -18.78 -25.32 10.92
CA VAL A 70 -18.96 -26.76 10.74
C VAL A 70 -18.23 -27.18 9.47
N ARG A 71 -17.90 -28.47 9.42
CA ARG A 71 -17.54 -29.15 8.17
C ARG A 71 -18.64 -30.15 7.83
N ALA A 72 -19.21 -30.04 6.62
CA ALA A 72 -20.29 -30.91 6.18
C ALA A 72 -19.86 -31.77 5.00
N LYS A 73 -20.36 -33.00 4.95
CA LYS A 73 -20.12 -33.93 3.87
C LYS A 73 -21.45 -34.55 3.45
N GLY A 74 -21.66 -34.67 2.14
CA GLY A 74 -22.89 -35.27 1.66
C GLY A 74 -22.97 -35.27 0.15
N LEU A 75 -24.16 -35.57 -0.35
CA LEU A 75 -24.42 -35.72 -1.78
C LEU A 75 -25.26 -34.57 -2.29
N VAL A 76 -24.79 -33.93 -3.36
CA VAL A 76 -25.54 -32.86 -4.00
C VAL A 76 -26.77 -33.43 -4.69
N ARG A 77 -27.95 -32.92 -4.34
CA ARG A 77 -29.23 -33.34 -4.91
C ARG A 77 -29.96 -32.11 -5.45
N LEU A 78 -30.83 -32.33 -6.45
CA LEU A 78 -31.82 -31.33 -6.81
C LEU A 78 -32.79 -31.11 -5.65
N ARG A 79 -33.16 -29.86 -5.41
CA ARG A 79 -34.30 -29.57 -4.56
C ARG A 79 -35.60 -29.99 -5.26
N PRO A 80 -36.63 -30.36 -4.50
CA PRO A 80 -37.93 -30.60 -5.13
C PRO A 80 -38.47 -29.37 -5.83
N GLU A 81 -38.34 -28.19 -5.21
CA GLU A 81 -38.65 -26.93 -5.85
C GLU A 81 -37.50 -25.97 -5.58
N PRO A 82 -37.01 -25.27 -6.59
CA PRO A 82 -35.88 -24.37 -6.39
C PRO A 82 -36.28 -23.10 -5.66
N ASN A 83 -35.31 -22.54 -4.93
CA ASN A 83 -35.45 -21.21 -4.36
C ASN A 83 -34.64 -20.26 -5.23
N PRO A 84 -35.27 -19.48 -6.10
CA PRO A 84 -34.51 -18.63 -7.03
C PRO A 84 -33.80 -17.47 -6.37
N ARG A 85 -34.01 -17.23 -5.07
CA ARG A 85 -33.30 -16.15 -4.41
C ARG A 85 -31.88 -16.54 -4.02
N LEU A 86 -31.51 -17.80 -4.20
CA LEU A 86 -30.15 -18.28 -3.96
C LEU A 86 -29.55 -18.77 -5.27
N ALA A 87 -28.28 -18.43 -5.51
CA ALA A 87 -27.58 -18.97 -6.67
C ALA A 87 -27.50 -20.49 -6.63
N THR A 88 -27.41 -21.09 -5.44
CA THR A 88 -27.46 -22.54 -5.28
C THR A 88 -28.87 -23.07 -5.21
N GLY A 89 -29.87 -22.26 -5.56
CA GLY A 89 -31.26 -22.57 -5.24
C GLY A 89 -31.83 -23.82 -5.87
N ARG A 90 -31.20 -24.36 -6.91
CA ARG A 90 -31.75 -25.59 -7.49
C ARG A 90 -31.32 -26.84 -6.74
N VAL A 91 -30.31 -26.75 -5.86
CA VAL A 91 -29.70 -27.92 -5.23
C VAL A 91 -29.70 -27.81 -3.70
N GLU A 92 -29.37 -28.95 -3.09
CA GLU A 92 -29.19 -29.07 -1.65
C GLU A 92 -28.20 -30.22 -1.44
N VAL A 93 -27.71 -30.36 -0.22
CA VAL A 93 -26.74 -31.40 0.10
C VAL A 93 -27.36 -32.32 1.14
N GLU A 94 -27.54 -33.58 0.78
CA GLU A 94 -28.04 -34.57 1.75
C GLU A 94 -26.88 -34.96 2.65
N LEU A 95 -27.01 -34.64 3.94
CA LEU A 95 -25.88 -34.80 4.85
C LEU A 95 -25.63 -36.26 5.17
N SER A 96 -24.39 -36.68 5.03
CA SER A 96 -23.92 -37.93 5.62
C SER A 96 -23.06 -37.69 6.86
N ALA A 97 -22.42 -36.54 6.95
CA ALA A 97 -21.56 -36.23 8.09
C ALA A 97 -21.65 -34.74 8.38
N LEU A 98 -21.50 -34.41 9.67
CA LEU A 98 -21.53 -33.02 10.13
C LEU A 98 -20.67 -32.94 11.39
N GLU A 99 -19.66 -32.07 11.35
CA GLU A 99 -18.70 -31.94 12.41
C GLU A 99 -18.61 -30.47 12.84
N VAL A 100 -18.63 -30.23 14.14
CA VAL A 100 -18.53 -28.87 14.68
C VAL A 100 -17.05 -28.53 14.84
N LEU A 101 -16.61 -27.47 14.19
CA LEU A 101 -15.23 -26.99 14.32
C LEU A 101 -15.10 -25.85 15.32
N ALA A 102 -16.18 -25.09 15.55
CA ALA A 102 -16.19 -24.01 16.53
C ALA A 102 -17.64 -23.66 16.86
N GLU A 103 -17.94 -23.54 18.14
CA GLU A 103 -19.22 -23.01 18.56
C GLU A 103 -19.18 -21.48 18.54
N ALA A 104 -20.33 -20.85 18.75
CA ALA A 104 -20.39 -19.40 18.66
C ALA A 104 -21.44 -18.80 19.59
N LYS A 105 -21.07 -17.70 20.24
CA LYS A 105 -22.04 -16.86 20.95
C LYS A 105 -23.05 -16.26 19.99
N THR A 106 -24.24 -15.98 20.50
CA THR A 106 -25.25 -15.25 19.74
C THR A 106 -24.72 -13.87 19.36
N PRO A 107 -24.60 -13.55 18.08
CA PRO A 107 -24.03 -12.27 17.69
C PRO A 107 -24.91 -11.12 18.16
N PRO A 108 -24.33 -9.94 18.37
CA PRO A 108 -25.11 -8.80 18.86
C PRO A 108 -26.07 -8.23 17.83
N PHE A 109 -25.99 -8.65 16.58
CA PHE A 109 -26.92 -8.26 15.54
C PHE A 109 -26.92 -9.34 14.47
N PRO A 110 -27.93 -9.38 13.60
CA PRO A 110 -28.00 -10.45 12.60
C PRO A 110 -27.10 -10.17 11.41
N VAL A 111 -26.48 -11.24 10.89
CA VAL A 111 -25.68 -11.16 9.67
C VAL A 111 -26.20 -12.10 8.59
N ASP A 112 -27.34 -12.74 8.83
CA ASP A 112 -27.80 -13.83 7.97
C ASP A 112 -28.71 -13.39 6.84
N ALA A 113 -29.40 -12.26 6.97
CA ALA A 113 -30.52 -11.95 6.08
C ALA A 113 -30.06 -11.61 4.66
N GLY A 114 -28.98 -10.84 4.52
CA GLY A 114 -28.52 -10.46 3.19
C GLY A 114 -28.17 -11.65 2.32
N TRP A 115 -27.58 -12.69 2.92
CA TRP A 115 -27.20 -13.86 2.14
C TRP A 115 -28.40 -14.61 1.55
N ARG A 116 -29.58 -14.49 2.16
CA ARG A 116 -30.81 -15.01 1.59
C ARG A 116 -31.44 -14.04 0.60
N GLY A 117 -30.83 -12.89 0.37
CA GLY A 117 -31.45 -11.90 -0.50
C GLY A 117 -32.57 -11.11 0.14
N GLU A 118 -32.61 -11.04 1.48
CA GLU A 118 -33.61 -10.25 2.19
C GLU A 118 -33.03 -8.91 2.60
N GLU A 119 -33.90 -7.92 2.77
CA GLU A 119 -33.46 -6.63 3.29
C GLU A 119 -32.96 -6.77 4.72
N GLU A 120 -31.95 -5.98 5.06
CA GLU A 120 -31.34 -6.04 6.38
C GLU A 120 -31.68 -4.79 7.18
N LYS A 121 -32.16 -5.00 8.41
CA LYS A 121 -32.49 -3.88 9.28
C LYS A 121 -31.23 -3.12 9.66
N GLU A 122 -31.31 -1.80 9.67
CA GLU A 122 -30.16 -0.99 10.04
C GLU A 122 -29.84 -1.19 11.51
N ALA A 123 -28.56 -1.42 11.81
CA ALA A 123 -28.07 -1.57 13.16
C ALA A 123 -27.21 -0.36 13.53
N SER A 124 -27.10 -0.11 14.82
CA SER A 124 -26.26 0.98 15.31
C SER A 124 -24.87 0.88 14.71
N GLU A 125 -24.44 1.93 14.01
CA GLU A 125 -23.11 1.88 13.39
C GLU A 125 -22.03 1.73 14.44
N GLU A 126 -22.18 2.37 15.60
CA GLU A 126 -21.20 2.20 16.67
C GLU A 126 -21.14 0.74 17.12
N LEU A 127 -22.29 0.06 17.14
CA LEU A 127 -22.30 -1.36 17.46
C LEU A 127 -21.65 -2.16 16.34
N ARG A 128 -21.89 -1.77 15.08
CA ARG A 128 -21.29 -2.46 13.95
C ARG A 128 -19.77 -2.31 13.96
N LEU A 129 -19.26 -1.13 14.33
CA LEU A 129 -17.81 -0.93 14.36
C LEU A 129 -17.17 -1.66 15.53
N LYS A 130 -17.84 -1.67 16.69
CA LYS A 130 -17.34 -2.42 17.85
C LYS A 130 -17.20 -3.90 17.54
N TYR A 131 -18.11 -4.44 16.75
CA TYR A 131 -18.05 -5.84 16.34
C TYR A 131 -17.83 -5.92 14.84
N ARG A 132 -16.82 -5.18 14.36
CA ARG A 132 -16.64 -5.03 12.92
C ARG A 132 -16.34 -6.36 12.25
N TYR A 133 -15.58 -7.23 12.92
CA TYR A 133 -15.34 -8.57 12.38
C TYR A 133 -16.64 -9.33 12.16
N LEU A 134 -17.70 -9.02 12.92
CA LEU A 134 -19.00 -9.64 12.67
C LEU A 134 -19.77 -8.86 11.60
N ASP A 135 -19.71 -7.54 11.63
CA ASP A 135 -20.37 -6.75 10.58
C ASP A 135 -19.85 -7.14 9.20
N LEU A 136 -18.57 -7.46 9.10
CA LEU A 136 -17.98 -7.82 7.82
C LEU A 136 -18.38 -9.22 7.36
N ARG A 137 -19.11 -9.98 8.17
CA ARG A 137 -19.72 -11.21 7.68
C ARG A 137 -20.89 -10.95 6.72
N ARG A 138 -21.53 -9.78 6.81
CA ARG A 138 -22.72 -9.49 5.99
C ARG A 138 -22.36 -9.47 4.51
N ARG A 139 -23.31 -9.91 3.68
CA ARG A 139 -23.04 -9.99 2.24
C ARG A 139 -22.67 -8.62 1.68
N ARG A 140 -23.42 -7.58 2.05
CA ARG A 140 -23.18 -6.22 1.58
C ARG A 140 -21.74 -5.79 1.84
N MET A 141 -21.22 -6.03 3.05
CA MET A 141 -19.87 -5.59 3.39
C MET A 141 -18.81 -6.35 2.60
N GLN A 142 -19.01 -7.65 2.40
CA GLN A 142 -18.03 -8.41 1.63
C GLN A 142 -18.03 -7.99 0.16
N GLU A 143 -19.21 -7.65 -0.39
CA GLU A 143 -19.27 -7.16 -1.77
C GLU A 143 -18.51 -5.84 -1.91
N ASN A 144 -18.68 -4.91 -0.97
CA ASN A 144 -17.89 -3.68 -1.01
C ASN A 144 -16.40 -3.96 -1.00
N LEU A 145 -15.94 -4.83 -0.07
CA LEU A 145 -14.50 -5.07 0.04
C LEU A 145 -13.96 -5.77 -1.19
N ARG A 146 -14.74 -6.69 -1.75
CA ARG A 146 -14.29 -7.37 -2.96
C ARG A 146 -14.35 -6.47 -4.19
N LEU A 147 -15.31 -5.53 -4.26
CA LEU A 147 -15.27 -4.52 -5.30
C LEU A 147 -13.99 -3.68 -5.21
N ARG A 148 -13.65 -3.25 -4.00
CA ARG A 148 -12.44 -2.47 -3.78
C ARG A 148 -11.21 -3.23 -4.28
N HIS A 149 -11.14 -4.54 -4.01
CA HIS A 149 -10.10 -5.37 -4.59
C HIS A 149 -10.11 -5.29 -6.11
N ARG A 150 -11.28 -5.47 -6.72
CA ARG A 150 -11.32 -5.50 -8.19
C ARG A 150 -10.93 -4.15 -8.79
N VAL A 151 -11.28 -3.04 -8.14
CA VAL A 151 -10.91 -1.73 -8.66
C VAL A 151 -9.40 -1.55 -8.63
N ILE A 152 -8.77 -1.88 -7.51
CA ILE A 152 -7.32 -1.71 -7.41
C ILE A 152 -6.60 -2.61 -8.40
N LYS A 153 -7.01 -3.88 -8.52
CA LYS A 153 -6.41 -4.77 -9.52
C LYS A 153 -6.57 -4.20 -10.93
N ALA A 154 -7.74 -3.61 -11.22
CA ALA A 154 -7.96 -3.03 -12.55
C ALA A 154 -7.05 -1.83 -12.78
N ILE A 155 -6.81 -1.03 -11.74
CA ILE A 155 -5.88 0.09 -11.83
C ILE A 155 -4.46 -0.41 -12.12
N TRP A 156 -4.01 -1.43 -11.37
CA TRP A 156 -2.70 -2.03 -11.62
C TRP A 156 -2.60 -2.54 -13.05
N ASP A 157 -3.59 -3.32 -13.51
CA ASP A 157 -3.54 -3.85 -14.87
C ASP A 157 -3.39 -2.73 -15.90
N PHE A 158 -4.23 -1.70 -15.80
CA PHE A 158 -4.23 -0.66 -16.82
C PHE A 158 -2.94 0.14 -16.78
N LEU A 159 -2.56 0.65 -15.60
CA LEU A 159 -1.41 1.53 -15.52
C LEU A 159 -0.11 0.78 -15.82
N ASP A 160 -0.04 -0.50 -15.42
CA ASP A 160 1.09 -1.32 -15.83
C ASP A 160 1.20 -1.43 -17.35
N ARG A 161 0.06 -1.61 -18.04
CA ARG A 161 0.08 -1.72 -19.49
C ARG A 161 0.49 -0.40 -20.13
N GLU A 162 0.15 0.73 -19.51
CA GLU A 162 0.51 2.04 -20.02
C GLU A 162 1.90 2.48 -19.61
N GLY A 163 2.67 1.62 -18.95
CA GLY A 163 4.06 1.88 -18.65
C GLY A 163 4.33 2.61 -17.35
N PHE A 164 3.36 2.70 -16.45
CA PHE A 164 3.57 3.34 -15.15
C PHE A 164 4.33 2.42 -14.19
N VAL A 165 5.21 3.00 -13.38
CA VAL A 165 5.93 2.27 -12.35
C VAL A 165 5.28 2.56 -11.00
N GLN A 166 4.82 1.51 -10.31
CA GLN A 166 4.39 1.68 -8.92
C GLN A 166 5.61 1.89 -8.05
N VAL A 167 5.59 2.94 -7.24
CA VAL A 167 6.67 3.21 -6.31
C VAL A 167 6.06 3.51 -4.96
N GLU A 168 6.54 2.84 -3.93
CA GLU A 168 6.10 3.11 -2.56
C GLU A 168 6.96 4.23 -1.98
N THR A 169 6.31 5.23 -1.38
CA THR A 169 6.98 6.39 -0.83
C THR A 169 6.93 6.37 0.71
N PRO A 170 7.70 7.23 1.38
CA PRO A 170 7.84 7.11 2.83
C PRO A 170 6.57 7.42 3.61
N PHE A 171 6.42 6.70 4.73
CA PHE A 171 5.42 7.00 5.74
C PHE A 171 5.96 7.82 6.90
N LEU A 172 7.27 7.72 7.19
CA LEU A 172 7.91 8.53 8.23
C LEU A 172 8.74 9.60 7.52
N THR A 173 8.28 10.84 7.57
CA THR A 173 8.89 11.88 6.75
C THR A 173 8.95 13.17 7.56
N LYS A 174 9.20 14.28 6.86
CA LYS A 174 9.50 15.56 7.48
C LYS A 174 8.21 16.28 7.87
N SER A 175 8.09 16.65 9.14
CA SER A 175 6.99 17.51 9.55
C SER A 175 7.26 18.93 9.07
N THR A 176 6.25 19.54 8.45
CA THR A 176 6.36 20.95 8.10
C THR A 176 5.19 21.72 8.69
N PRO A 177 5.41 22.99 9.09
CA PRO A 177 4.31 23.79 9.64
C PRO A 177 3.40 24.32 8.55
N GLU A 178 3.41 23.64 7.40
CA GLU A 178 2.71 24.06 6.20
C GLU A 178 1.26 23.59 6.26
N GLY A 179 0.36 24.52 6.57
CA GLY A 179 -1.07 24.28 6.48
C GLY A 179 -1.60 23.19 7.39
N ALA A 180 -2.19 22.15 6.80
CA ALA A 180 -2.92 21.16 7.59
C ALA A 180 -1.98 20.42 8.55
N ARG A 181 -2.53 20.05 9.71
CA ARG A 181 -1.72 19.55 10.81
C ARG A 181 -1.27 18.11 10.55
N ASP A 182 -0.01 17.84 10.87
CA ASP A 182 0.57 16.51 10.73
C ASP A 182 0.26 15.67 11.97
N PHE A 183 0.04 14.38 11.74
CA PHE A 183 0.21 13.39 12.81
C PHE A 183 1.70 13.17 13.05
N LEU A 184 2.13 13.25 14.31
CA LEU A 184 3.55 13.16 14.65
C LEU A 184 3.91 11.80 15.23
N VAL A 185 5.16 11.40 15.04
CA VAL A 185 5.71 10.17 15.62
C VAL A 185 6.99 10.51 16.36
N PRO A 186 7.04 10.36 17.70
CA PRO A 186 8.26 10.72 18.44
C PRO A 186 9.43 9.82 18.07
N TYR A 187 10.60 10.43 18.00
CA TYR A 187 11.85 9.74 17.68
C TYR A 187 12.53 9.40 19.00
N ARG A 188 12.55 8.10 19.33
CA ARG A 188 12.94 7.67 20.67
C ARG A 188 14.36 8.10 21.03
N HIS A 189 15.32 7.98 20.09
CA HIS A 189 16.73 8.14 20.48
C HIS A 189 17.11 9.60 20.75
N GLU A 190 16.29 10.57 20.33
CA GLU A 190 16.55 11.98 20.60
C GLU A 190 15.23 12.69 20.92
N PRO A 191 14.86 12.75 22.20
CA PRO A 191 13.55 13.34 22.57
C PRO A 191 13.45 14.78 22.09
N GLY A 192 12.27 15.15 21.59
CA GLY A 192 12.09 16.44 20.96
C GLY A 192 12.10 16.41 19.46
N LEU A 193 12.55 15.31 18.85
CA LEU A 193 12.52 15.14 17.39
C LEU A 193 11.34 14.23 17.03
N PHE A 194 10.71 14.54 15.89
CA PHE A 194 9.51 13.86 15.45
C PHE A 194 9.59 13.55 13.96
N TYR A 195 9.05 12.39 13.57
CA TYR A 195 8.63 12.23 12.19
C TYR A 195 7.19 12.68 12.06
N ALA A 196 6.76 12.87 10.81
CA ALA A 196 5.37 13.12 10.48
C ALA A 196 4.89 12.06 9.52
N LEU A 197 3.61 11.69 9.64
CA LEU A 197 3.01 10.88 8.59
C LEU A 197 2.69 11.77 7.38
N PRO A 198 2.72 11.23 6.16
CA PRO A 198 2.58 12.09 4.97
C PRO A 198 1.15 12.54 4.73
N GLN A 199 1.01 13.83 4.42
CA GLN A 199 -0.30 14.36 4.01
C GLN A 199 -0.70 13.89 2.62
N SER A 200 0.29 13.60 1.77
CA SER A 200 0.13 13.07 0.41
C SER A 200 1.54 12.76 -0.08
N PRO A 201 1.72 12.02 -1.17
CA PRO A 201 3.08 11.78 -1.68
C PRO A 201 3.62 12.87 -2.60
N GLN A 202 2.96 14.03 -2.66
CA GLN A 202 3.23 15.07 -3.64
C GLN A 202 4.71 15.30 -3.92
N LEU A 203 5.49 15.63 -2.90
CA LEU A 203 6.88 15.97 -3.14
C LEU A 203 7.68 14.74 -3.59
N PHE A 204 7.38 13.56 -3.05
CA PHE A 204 8.10 12.37 -3.48
C PHE A 204 7.77 12.03 -4.94
N LYS A 205 6.51 12.16 -5.34
CA LYS A 205 6.19 11.80 -6.71
C LYS A 205 6.77 12.81 -7.70
N GLN A 206 6.84 14.09 -7.33
CA GLN A 206 7.52 15.04 -8.20
C GLN A 206 9.01 14.72 -8.29
N MET A 207 9.62 14.36 -7.17
CA MET A 207 11.03 13.96 -7.19
C MET A 207 11.25 12.73 -8.05
N LEU A 208 10.25 11.84 -8.12
CA LEU A 208 10.37 10.69 -9.00
C LEU A 208 10.40 11.09 -10.47
N MET A 209 9.74 12.21 -10.83
CA MET A 209 9.85 12.74 -12.19
C MET A 209 11.21 13.36 -12.40
N VAL A 210 11.73 14.09 -11.41
CA VAL A 210 13.10 14.60 -11.50
C VAL A 210 14.10 13.46 -11.67
N ALA A 211 13.80 12.28 -11.13
CA ALA A 211 14.66 11.12 -11.24
C ALA A 211 14.54 10.41 -12.59
N GLY A 212 13.63 10.83 -13.46
CA GLY A 212 13.58 10.22 -14.78
C GLY A 212 12.75 8.96 -14.89
N LEU A 213 11.88 8.68 -13.93
CA LEU A 213 11.05 7.48 -14.03
C LEU A 213 9.89 7.63 -14.99
N ASP A 214 9.65 8.85 -15.47
CA ASP A 214 8.66 9.19 -16.49
C ASP A 214 7.22 9.09 -16.02
N ARG A 215 6.82 7.97 -15.40
CA ARG A 215 5.41 7.84 -14.99
C ARG A 215 5.31 6.90 -13.80
N TYR A 216 4.56 7.32 -12.79
CA TYR A 216 4.51 6.70 -11.49
C TYR A 216 3.08 6.61 -11.02
N PHE A 217 2.77 5.59 -10.21
CA PHE A 217 1.53 5.56 -9.47
C PHE A 217 1.73 4.84 -8.15
N GLN A 218 0.80 5.06 -7.24
CA GLN A 218 0.82 4.45 -5.92
C GLN A 218 -0.62 4.47 -5.41
N ILE A 219 -1.04 3.37 -4.80
CA ILE A 219 -2.23 3.38 -3.96
C ILE A 219 -1.75 3.85 -2.58
N ALA A 220 -1.91 5.14 -2.31
CA ALA A 220 -1.20 5.82 -1.24
C ALA A 220 -2.11 6.13 -0.07
N ARG A 221 -1.61 5.90 1.13
CA ARG A 221 -2.31 6.30 2.35
C ARG A 221 -1.86 7.71 2.72
N CYS A 222 -2.82 8.60 2.98
CA CYS A 222 -2.57 9.98 3.35
C CYS A 222 -3.12 10.22 4.74
N PHE A 223 -2.44 11.05 5.52
CA PHE A 223 -2.79 11.28 6.91
C PHE A 223 -2.91 12.78 7.14
N ARG A 224 -4.10 13.23 7.55
CA ARG A 224 -4.33 14.66 7.75
C ARG A 224 -5.12 14.82 9.05
N ASP A 225 -4.50 15.44 10.05
CA ASP A 225 -5.11 15.59 11.37
C ASP A 225 -5.88 16.90 11.39
N GLU A 226 -7.07 16.88 10.77
CA GLU A 226 -7.91 18.05 10.71
C GLU A 226 -9.35 17.69 11.05
N ASP A 227 -10.26 18.64 10.93
CA ASP A 227 -11.68 18.44 11.23
C ASP A 227 -12.21 17.21 10.49
N LEU A 228 -12.78 16.27 11.25
CA LEU A 228 -13.27 15.03 10.68
C LEU A 228 -14.74 15.11 10.25
N ARG A 229 -15.42 16.22 10.53
CA ARG A 229 -16.77 16.41 10.02
C ARG A 229 -16.77 16.33 8.49
N ALA A 230 -17.96 16.11 7.93
CA ALA A 230 -18.14 15.86 6.50
C ALA A 230 -17.50 14.52 6.09
N ASP A 231 -17.73 13.49 6.91
CA ASP A 231 -17.42 12.09 6.54
C ASP A 231 -15.94 11.91 6.20
N ARG A 232 -15.07 12.51 6.99
CA ARG A 232 -13.64 12.37 6.78
C ARG A 232 -13.06 11.39 7.80
N GLN A 233 -12.09 10.62 7.36
CA GLN A 233 -11.32 9.71 8.19
C GLN A 233 -9.93 10.30 8.44
N PRO A 234 -9.30 10.02 9.58
CA PRO A 234 -7.99 10.64 9.84
C PRO A 234 -6.93 10.20 8.85
N ASP A 235 -7.04 9.00 8.31
CA ASP A 235 -6.27 8.61 7.14
C ASP A 235 -7.17 8.00 6.09
N PHE A 236 -6.75 8.13 4.83
CA PHE A 236 -7.56 7.70 3.70
C PHE A 236 -6.63 7.33 2.56
N THR A 237 -7.20 6.80 1.49
CA THR A 237 -6.45 6.22 0.38
C THR A 237 -6.62 7.04 -0.88
N GLN A 238 -5.51 7.36 -1.53
CA GLN A 238 -5.53 7.97 -2.86
C GLN A 238 -4.96 6.99 -3.87
N LEU A 239 -5.55 6.97 -5.05
CA LEU A 239 -4.78 6.58 -6.23
C LEU A 239 -3.99 7.80 -6.65
N ASP A 240 -2.67 7.74 -6.52
CA ASP A 240 -1.79 8.88 -6.75
C ASP A 240 -0.95 8.59 -7.97
N LEU A 241 -0.89 9.53 -8.92
CA LEU A 241 -0.10 9.27 -10.12
C LEU A 241 0.50 10.57 -10.67
N GLU A 242 1.61 10.42 -11.40
CA GLU A 242 2.37 11.54 -11.95
C GLU A 242 2.99 11.11 -13.27
N MET A 243 3.04 12.04 -14.23
CA MET A 243 3.56 11.77 -15.57
C MET A 243 4.47 12.91 -16.01
N SER A 244 5.45 12.56 -16.86
CA SER A 244 6.41 13.53 -17.40
C SER A 244 6.07 13.89 -18.84
N PHE A 245 6.47 15.11 -19.25
CA PHE A 245 6.31 15.60 -20.62
C PHE A 245 4.85 15.58 -21.07
N VAL A 246 3.96 16.07 -20.21
CA VAL A 246 2.52 16.05 -20.48
C VAL A 246 1.97 17.46 -20.44
N GLU A 247 0.88 17.67 -21.17
CA GLU A 247 0.00 18.82 -21.01
C GLU A 247 -1.24 18.37 -20.27
N VAL A 248 -2.09 19.34 -19.90
CA VAL A 248 -3.34 19.02 -19.21
C VAL A 248 -4.10 17.93 -19.95
N GLU A 249 -4.25 18.11 -21.27
CA GLU A 249 -4.94 17.13 -22.11
C GLU A 249 -4.41 15.72 -21.92
N ASP A 250 -3.08 15.55 -21.85
CA ASP A 250 -2.52 14.21 -21.73
C ASP A 250 -2.93 13.55 -20.41
N VAL A 251 -3.00 14.34 -19.33
CA VAL A 251 -3.38 13.80 -18.04
C VAL A 251 -4.86 13.44 -18.02
N LEU A 252 -5.71 14.33 -18.52
CA LEU A 252 -7.15 14.06 -18.52
C LEU A 252 -7.48 12.84 -19.37
N GLU A 253 -6.87 12.73 -20.54
CA GLU A 253 -7.16 11.63 -21.45
C GLU A 253 -6.80 10.29 -20.82
N LEU A 254 -5.60 10.20 -20.24
CA LEU A 254 -5.17 9.00 -19.53
C LEU A 254 -6.15 8.64 -18.41
N ASN A 255 -6.53 9.63 -17.61
CA ASN A 255 -7.38 9.34 -16.46
C ASN A 255 -8.78 8.92 -16.88
N GLU A 256 -9.30 9.51 -17.97
CA GLU A 256 -10.58 9.09 -18.53
C GLU A 256 -10.57 7.62 -18.93
N ARG A 257 -9.56 7.22 -19.71
CA ARG A 257 -9.48 5.84 -20.15
C ARG A 257 -9.29 4.89 -18.96
N LEU A 258 -8.50 5.32 -17.98
CA LEU A 258 -8.32 4.51 -16.77
C LEU A 258 -9.64 4.31 -16.04
N MET A 259 -10.40 5.40 -15.87
CA MET A 259 -11.66 5.30 -15.15
C MET A 259 -12.64 4.39 -15.88
N ALA A 260 -12.73 4.53 -17.20
CA ALA A 260 -13.62 3.67 -17.97
C ALA A 260 -13.20 2.21 -17.87
N HIS A 261 -11.91 1.95 -17.89
CA HIS A 261 -11.43 0.60 -17.69
C HIS A 261 -11.85 0.06 -16.32
N VAL A 262 -11.73 0.88 -15.27
CA VAL A 262 -12.12 0.48 -13.91
C VAL A 262 -13.61 0.15 -13.87
N PHE A 263 -14.44 1.03 -14.43
CA PHE A 263 -15.88 0.80 -14.34
C PHE A 263 -16.27 -0.44 -15.12
N ARG A 264 -15.68 -0.64 -16.30
CA ARG A 264 -15.99 -1.81 -17.11
C ARG A 264 -15.59 -3.09 -16.40
N GLU A 265 -14.37 -3.14 -15.88
CA GLU A 265 -13.86 -4.36 -15.27
C GLU A 265 -14.49 -4.63 -13.91
N ALA A 266 -14.67 -3.61 -13.08
CA ALA A 266 -15.09 -3.85 -11.69
C ALA A 266 -16.59 -3.74 -11.49
N LEU A 267 -17.29 -2.98 -12.31
CA LEU A 267 -18.73 -2.83 -12.17
C LEU A 267 -19.53 -3.36 -13.35
N GLY A 268 -18.90 -3.67 -14.47
CA GLY A 268 -19.64 -3.97 -15.68
C GLY A 268 -20.42 -2.80 -16.24
N VAL A 269 -19.94 -1.57 -16.02
CA VAL A 269 -20.63 -0.37 -16.46
C VAL A 269 -19.79 0.32 -17.52
N GLU A 270 -20.45 0.78 -18.56
CA GLU A 270 -19.79 1.44 -19.69
C GLU A 270 -19.88 2.95 -19.51
N LEU A 271 -18.73 3.62 -19.48
CA LEU A 271 -18.67 5.07 -19.38
C LEU A 271 -18.40 5.66 -20.75
N PRO A 272 -19.28 6.48 -21.31
CA PRO A 272 -18.97 7.12 -22.60
C PRO A 272 -17.78 8.05 -22.46
N LEU A 273 -16.89 8.01 -23.45
CA LEU A 273 -15.78 8.93 -23.48
C LEU A 273 -15.89 9.86 -24.69
N PRO A 274 -15.34 11.08 -24.62
CA PRO A 274 -14.63 11.67 -23.49
C PRO A 274 -15.59 12.18 -22.42
N PHE A 275 -15.10 12.45 -21.22
CA PHE A 275 -15.93 13.08 -20.21
C PHE A 275 -16.19 14.53 -20.62
N PRO A 276 -17.34 15.08 -20.28
CA PRO A 276 -17.55 16.52 -20.50
C PRO A 276 -16.55 17.34 -19.68
N ARG A 277 -16.22 18.52 -20.18
CA ARG A 277 -15.31 19.44 -19.51
C ARG A 277 -16.02 20.77 -19.35
N LEU A 278 -15.78 21.43 -18.22
CA LEU A 278 -16.27 22.79 -18.01
C LEU A 278 -15.18 23.56 -17.33
N SER A 279 -14.98 24.81 -17.74
CA SER A 279 -14.11 25.66 -16.97
C SER A 279 -14.76 25.96 -15.62
N TYR A 280 -13.93 26.32 -14.64
CA TYR A 280 -14.45 26.73 -13.34
C TYR A 280 -15.51 27.81 -13.49
N GLU A 281 -15.25 28.78 -14.39
CA GLU A 281 -16.21 29.86 -14.62
C GLU A 281 -17.53 29.34 -15.19
N GLU A 282 -17.46 28.45 -16.18
CA GLU A 282 -18.69 27.88 -16.74
C GLU A 282 -19.46 27.08 -15.69
N ALA A 283 -18.74 26.33 -14.85
CA ALA A 283 -19.38 25.52 -13.82
C ALA A 283 -20.12 26.41 -12.82
N MET A 284 -19.46 27.46 -12.34
CA MET A 284 -20.12 28.39 -11.43
C MET A 284 -21.33 29.05 -12.07
N GLU A 285 -21.20 29.47 -13.33
CA GLU A 285 -22.29 30.21 -13.97
C GLU A 285 -23.50 29.31 -14.24
N ARG A 286 -23.27 28.07 -14.66
CA ARG A 286 -24.37 27.22 -15.09
C ARG A 286 -24.93 26.37 -13.96
N TYR A 287 -24.12 26.06 -12.93
CA TYR A 287 -24.55 25.19 -11.84
C TYR A 287 -24.35 25.78 -10.46
N GLY A 288 -23.65 26.90 -10.32
CA GLY A 288 -23.41 27.45 -9.00
C GLY A 288 -22.50 26.64 -8.12
N SER A 289 -21.70 25.75 -8.70
CA SER A 289 -20.82 24.90 -7.94
C SER A 289 -19.63 24.52 -8.80
N ASP A 290 -18.47 24.36 -8.16
CA ASP A 290 -17.32 23.77 -8.86
C ASP A 290 -17.32 22.24 -8.80
N LYS A 291 -18.40 21.62 -8.30
CA LYS A 291 -18.60 20.18 -8.39
C LYS A 291 -20.03 19.90 -8.87
N PRO A 292 -20.33 20.19 -10.14
CA PRO A 292 -21.71 20.08 -10.63
C PRO A 292 -22.22 18.64 -10.61
N ASP A 293 -23.48 18.50 -10.24
CA ASP A 293 -24.22 17.24 -10.36
C ASP A 293 -24.91 17.23 -11.72
N LEU A 294 -24.39 16.46 -12.65
CA LEU A 294 -24.94 16.43 -14.00
C LEU A 294 -26.07 15.41 -14.17
N ARG A 295 -26.54 14.80 -13.08
CA ARG A 295 -27.59 13.78 -13.24
C ARG A 295 -28.95 14.38 -13.53
N PHE A 296 -29.08 15.71 -13.52
CA PHE A 296 -30.32 16.38 -13.88
C PHE A 296 -29.95 17.75 -14.45
N GLY A 297 -30.94 18.42 -15.01
CA GLY A 297 -30.68 19.69 -15.70
C GLY A 297 -30.85 20.90 -14.81
N LEU A 298 -31.86 21.72 -15.09
CA LEU A 298 -32.20 22.88 -14.26
C LEU A 298 -31.00 23.83 -14.11
N GLU A 299 -30.44 24.24 -15.23
CA GLU A 299 -29.27 25.10 -15.21
C GLU A 299 -29.64 26.52 -14.79
N LEU A 300 -28.69 27.20 -14.15
CA LEU A 300 -28.87 28.61 -13.81
C LEU A 300 -28.66 29.47 -15.05
N LYS A 301 -29.41 30.57 -15.11
CA LYS A 301 -29.35 31.49 -16.23
C LYS A 301 -29.14 32.90 -15.69
N GLU A 302 -28.18 33.61 -16.25
CA GLU A 302 -27.93 35.00 -15.85
C GLU A 302 -28.95 35.92 -16.51
N VAL A 303 -29.78 36.60 -15.72
CA VAL A 303 -30.80 37.48 -16.27
C VAL A 303 -30.61 38.92 -15.82
N GLY A 304 -29.50 39.23 -15.15
CA GLY A 304 -29.18 40.58 -14.73
C GLY A 304 -29.42 41.64 -15.78
N PRO A 305 -28.82 41.47 -16.98
CA PRO A 305 -28.98 42.50 -18.02
C PRO A 305 -30.40 42.63 -18.58
N LEU A 306 -31.38 41.88 -18.08
CA LEU A 306 -32.77 42.05 -18.48
C LEU A 306 -33.50 43.12 -17.68
N PHE A 307 -33.02 43.43 -16.48
CA PHE A 307 -33.73 44.31 -15.57
C PHE A 307 -33.02 45.64 -15.37
N ARG A 308 -32.02 45.96 -16.20
CA ARG A 308 -31.30 47.21 -16.04
C ARG A 308 -32.21 48.43 -16.18
N GLN A 309 -33.39 48.27 -16.78
CA GLN A 309 -34.35 49.35 -16.87
C GLN A 309 -35.64 49.05 -16.11
N SER A 310 -35.71 47.92 -15.40
CA SER A 310 -36.90 47.59 -14.63
C SER A 310 -37.00 48.45 -13.37
N GLY A 311 -38.24 48.74 -12.96
CA GLY A 311 -38.45 49.48 -11.72
C GLY A 311 -38.03 48.72 -10.47
N PHE A 312 -38.04 47.39 -10.52
CA PHE A 312 -37.68 46.55 -9.38
C PHE A 312 -36.22 46.78 -9.00
N ARG A 313 -36.01 47.65 -8.01
CA ARG A 313 -34.65 48.12 -7.73
C ARG A 313 -33.71 46.96 -7.39
N VAL A 314 -34.17 46.00 -6.58
CA VAL A 314 -33.26 44.96 -6.08
C VAL A 314 -32.70 44.14 -7.24
N PHE A 315 -33.50 43.92 -8.29
CA PHE A 315 -32.96 43.33 -9.51
C PHE A 315 -32.10 44.34 -10.27
N GLN A 316 -32.60 45.56 -10.43
CA GLN A 316 -31.98 46.50 -11.36
C GLN A 316 -30.56 46.88 -10.94
N GLU A 317 -30.29 46.94 -9.64
CA GLU A 317 -28.98 47.39 -9.14
C GLU A 317 -28.04 46.25 -8.77
N ALA A 318 -28.50 45.00 -8.82
CA ALA A 318 -27.64 43.89 -8.47
C ALA A 318 -26.55 43.68 -9.52
N GLU A 319 -25.37 43.29 -9.06
CA GLU A 319 -24.32 42.86 -9.97
C GLU A 319 -24.75 41.68 -10.82
N SER A 320 -25.54 40.75 -10.26
CA SER A 320 -25.97 39.56 -10.97
C SER A 320 -27.39 39.21 -10.53
N VAL A 321 -28.23 38.80 -11.47
CA VAL A 321 -29.50 38.14 -11.16
C VAL A 321 -29.47 36.78 -11.84
N LYS A 322 -29.48 35.73 -11.03
CA LYS A 322 -29.56 34.36 -11.52
C LYS A 322 -31.01 33.88 -11.45
N ALA A 323 -31.42 33.12 -12.47
CA ALA A 323 -32.78 32.60 -12.54
C ALA A 323 -32.74 31.08 -12.73
N LEU A 324 -33.80 30.42 -12.28
CA LEU A 324 -33.95 28.98 -12.38
C LEU A 324 -35.43 28.67 -12.61
N ALA A 325 -35.71 27.78 -13.57
CA ALA A 325 -37.08 27.40 -13.94
C ALA A 325 -37.34 25.96 -13.50
N LEU A 326 -38.23 25.78 -12.53
CA LEU A 326 -38.55 24.44 -12.03
C LEU A 326 -39.79 23.92 -12.73
N PRO A 327 -39.79 22.68 -13.25
CA PRO A 327 -40.95 22.14 -13.97
C PRO A 327 -42.05 21.61 -13.04
N LYS A 328 -42.59 22.50 -12.22
CA LYS A 328 -43.65 22.19 -11.26
C LYS A 328 -44.07 23.47 -10.56
N ALA A 329 -45.38 23.66 -10.40
CA ALA A 329 -45.90 24.78 -9.62
C ALA A 329 -45.75 24.44 -8.13
N LEU A 330 -44.87 25.14 -7.44
CA LEU A 330 -44.55 24.78 -6.07
C LEU A 330 -45.56 25.36 -5.08
N SER A 331 -45.60 24.75 -3.90
CA SER A 331 -46.38 25.30 -2.80
C SER A 331 -45.65 26.49 -2.19
N ARG A 332 -46.40 27.31 -1.47
CA ARG A 332 -45.77 28.39 -0.72
C ARG A 332 -44.84 27.84 0.35
N LYS A 333 -45.16 26.66 0.89
CA LYS A 333 -44.24 25.97 1.78
C LYS A 333 -42.92 25.67 1.09
N GLU A 334 -42.98 25.04 -0.09
CA GLU A 334 -41.76 24.63 -0.79
C GLU A 334 -40.91 25.85 -1.15
N VAL A 335 -41.54 26.93 -1.64
CA VAL A 335 -40.79 28.14 -1.98
C VAL A 335 -40.05 28.66 -0.77
N ALA A 336 -40.72 28.70 0.39
CA ALA A 336 -40.08 29.23 1.59
C ALA A 336 -38.95 28.34 2.07
N GLU A 337 -39.04 27.03 1.82
CA GLU A 337 -37.91 26.16 2.10
C GLU A 337 -36.73 26.47 1.20
N LEU A 338 -36.99 26.67 -0.10
CA LEU A 338 -35.90 27.04 -1.00
C LEU A 338 -35.33 28.39 -0.63
N GLU A 339 -36.19 29.33 -0.22
CA GLU A 339 -35.73 30.65 0.19
C GLU A 339 -34.78 30.55 1.38
N GLU A 340 -35.10 29.69 2.35
CA GLU A 340 -34.22 29.52 3.49
C GLU A 340 -32.91 28.86 3.09
N VAL A 341 -32.94 27.96 2.12
CA VAL A 341 -31.69 27.39 1.60
C VAL A 341 -30.85 28.49 0.95
N ALA A 342 -31.50 29.41 0.21
CA ALA A 342 -30.76 30.50 -0.40
C ALA A 342 -30.14 31.41 0.66
N LYS A 343 -30.93 31.82 1.66
CA LYS A 343 -30.42 32.71 2.69
C LYS A 343 -29.31 32.03 3.50
N ARG A 344 -29.44 30.72 3.74
CA ARG A 344 -28.37 30.00 4.42
C ARG A 344 -27.07 30.03 3.64
N HIS A 345 -27.12 30.38 2.36
CA HIS A 345 -25.93 30.47 1.53
C HIS A 345 -25.57 31.91 1.19
N LYS A 346 -25.86 32.84 2.09
CA LYS A 346 -25.43 34.24 2.09
C LYS A 346 -26.23 35.09 1.12
N ALA A 347 -27.27 34.56 0.49
CA ALA A 347 -28.12 35.38 -0.34
C ALA A 347 -28.97 36.31 0.53
N GLN A 348 -29.40 37.42 -0.09
CA GLN A 348 -30.33 38.33 0.58
C GLN A 348 -31.76 37.82 0.55
N GLY A 349 -32.07 36.82 -0.26
CA GLY A 349 -33.43 36.36 -0.40
C GLY A 349 -33.58 35.61 -1.71
N LEU A 350 -34.80 35.11 -1.92
CA LEU A 350 -35.15 34.34 -3.10
C LEU A 350 -36.47 34.87 -3.63
N ALA A 351 -36.43 35.59 -4.75
CA ALA A 351 -37.67 35.97 -5.37
C ALA A 351 -38.22 34.82 -6.20
N TRP A 352 -39.52 34.85 -6.45
CA TRP A 352 -40.17 33.76 -7.15
C TRP A 352 -41.36 34.30 -7.94
N ALA A 353 -41.85 33.46 -8.85
CA ALA A 353 -43.08 33.71 -9.61
C ALA A 353 -43.49 32.44 -10.32
N ARG A 354 -44.79 32.32 -10.59
CA ARG A 354 -45.31 31.21 -11.39
C ARG A 354 -45.48 31.66 -12.84
N VAL A 355 -45.30 30.73 -13.77
CA VAL A 355 -45.46 31.00 -15.20
C VAL A 355 -46.81 30.44 -15.66
N GLU A 356 -47.70 31.33 -16.09
CA GLU A 356 -49.01 30.96 -16.63
C GLU A 356 -48.96 30.98 -18.16
N GLU A 357 -50.10 30.66 -18.78
CA GLU A 357 -50.12 30.53 -20.25
C GLU A 357 -49.97 31.89 -20.92
N GLY A 358 -50.49 32.95 -20.31
CA GLY A 358 -50.41 34.27 -20.91
C GLY A 358 -49.40 35.20 -20.25
N GLY A 359 -49.02 34.91 -19.01
CA GLY A 359 -48.09 35.74 -18.28
C GLY A 359 -47.58 35.11 -17.00
N PHE A 360 -47.37 35.93 -15.97
CA PHE A 360 -46.85 35.47 -14.67
C PHE A 360 -47.85 35.80 -13.57
N SER A 361 -47.68 35.13 -12.44
CA SER A 361 -48.55 35.37 -11.29
C SER A 361 -47.80 35.01 -10.00
N GLY A 362 -47.93 35.86 -9.00
CA GLY A 362 -47.33 35.61 -7.70
C GLY A 362 -45.93 36.20 -7.58
N GLY A 363 -45.52 36.42 -6.33
CA GLY A 363 -44.16 36.86 -6.01
C GLY A 363 -43.72 38.17 -6.62
N VAL A 364 -42.86 38.12 -7.63
CA VAL A 364 -42.40 39.33 -8.30
C VAL A 364 -42.94 39.37 -9.72
N ALA A 365 -44.10 38.73 -9.94
CA ALA A 365 -44.67 38.63 -11.28
C ALA A 365 -44.85 39.99 -11.94
N LYS A 366 -45.18 41.03 -11.15
CA LYS A 366 -45.47 42.34 -11.72
C LYS A 366 -44.25 42.89 -12.45
N PHE A 367 -43.08 42.81 -11.83
CA PHE A 367 -41.87 43.34 -12.43
C PHE A 367 -41.32 42.48 -13.55
N LEU A 368 -41.92 41.31 -13.82
CA LEU A 368 -41.45 40.42 -14.88
C LEU A 368 -42.21 40.57 -16.19
N GLU A 369 -43.42 41.13 -16.16
CA GLU A 369 -44.20 41.28 -17.39
C GLU A 369 -43.52 42.13 -18.46
N PRO A 370 -42.88 43.27 -18.16
CA PRO A 370 -42.25 44.05 -19.24
C PRO A 370 -41.22 43.27 -20.04
N VAL A 371 -40.51 42.33 -19.41
CA VAL A 371 -39.44 41.60 -20.08
C VAL A 371 -39.85 40.16 -20.35
N ARG A 372 -41.15 39.91 -20.50
CA ARG A 372 -41.67 38.54 -20.58
C ARG A 372 -41.04 37.76 -21.74
N GLU A 373 -41.09 38.32 -22.95
CA GLU A 373 -40.57 37.59 -24.11
C GLU A 373 -39.11 37.24 -23.95
N ALA A 374 -38.31 38.19 -23.44
CA ALA A 374 -36.88 37.94 -23.27
C ALA A 374 -36.64 36.98 -22.11
N LEU A 375 -37.35 37.19 -20.99
CA LEU A 375 -37.18 36.31 -19.84
C LEU A 375 -37.50 34.86 -20.19
N LEU A 376 -38.53 34.65 -21.01
CA LEU A 376 -38.90 33.29 -21.38
C LEU A 376 -37.92 32.68 -22.37
N GLN A 377 -37.37 33.48 -23.30
CA GLN A 377 -36.37 32.95 -24.23
C GLN A 377 -35.06 32.63 -23.52
N ALA A 378 -34.76 33.33 -22.43
CA ALA A 378 -33.53 33.07 -21.68
C ALA A 378 -33.65 31.84 -20.79
N THR A 379 -34.79 31.69 -20.13
CA THR A 379 -35.03 30.58 -19.21
C THR A 379 -35.65 29.36 -19.88
N GLU A 380 -36.16 29.51 -21.12
CA GLU A 380 -36.83 28.42 -21.84
C GLU A 380 -38.00 27.87 -21.03
N ALA A 381 -38.60 28.73 -20.21
CA ALA A 381 -39.64 28.31 -19.29
C ALA A 381 -41.00 28.25 -20.00
N ARG A 382 -41.81 27.28 -19.61
CA ARG A 382 -43.11 26.99 -20.19
C ARG A 382 -44.20 27.22 -19.15
N PRO A 383 -45.47 27.36 -19.57
CA PRO A 383 -46.56 27.47 -18.60
C PRO A 383 -46.62 26.27 -17.67
N GLY A 384 -46.84 26.55 -16.39
CA GLY A 384 -46.77 25.55 -15.34
C GLY A 384 -45.49 25.58 -14.52
N ASP A 385 -44.42 26.19 -15.03
CA ASP A 385 -43.14 26.25 -14.31
C ASP A 385 -43.20 27.24 -13.16
N THR A 386 -42.14 27.24 -12.36
CA THR A 386 -41.97 28.24 -11.30
C THR A 386 -40.56 28.82 -11.42
N LEU A 387 -40.47 30.15 -11.54
CA LEU A 387 -39.20 30.84 -11.66
C LEU A 387 -38.69 31.25 -10.28
N LEU A 388 -37.43 30.92 -10.00
CA LEU A 388 -36.74 31.35 -8.79
C LEU A 388 -35.59 32.27 -9.19
N PHE A 389 -35.36 33.31 -8.39
CA PHE A 389 -34.37 34.33 -8.69
C PHE A 389 -33.57 34.64 -7.43
N VAL A 390 -32.26 34.78 -7.59
CA VAL A 390 -31.40 35.28 -6.53
C VAL A 390 -30.58 36.44 -7.09
N ALA A 391 -30.68 37.61 -6.46
CA ALA A 391 -29.96 38.80 -6.89
C ALA A 391 -28.90 39.17 -5.86
N GLY A 392 -27.68 39.43 -6.34
CA GLY A 392 -26.60 39.88 -5.50
C GLY A 392 -25.24 39.81 -6.19
N PRO A 393 -24.17 39.82 -5.40
CA PRO A 393 -22.84 39.63 -5.98
C PRO A 393 -22.77 38.33 -6.77
N ARG A 394 -21.93 38.32 -7.81
CA ARG A 394 -21.98 37.25 -8.80
C ARG A 394 -21.74 35.89 -8.16
N LYS A 395 -20.69 35.77 -7.33
CA LYS A 395 -20.37 34.47 -6.74
C LYS A 395 -21.43 34.04 -5.74
N VAL A 396 -21.98 35.00 -4.98
CA VAL A 396 -23.00 34.69 -3.98
C VAL A 396 -24.29 34.23 -4.66
N ALA A 397 -24.75 34.99 -5.66
CA ALA A 397 -25.98 34.63 -6.37
C ALA A 397 -25.86 33.26 -7.02
N ALA A 398 -24.71 32.96 -7.62
CA ALA A 398 -24.54 31.67 -8.27
C ALA A 398 -24.53 30.54 -7.24
N THR A 399 -23.70 30.71 -6.19
CA THR A 399 -23.55 29.67 -5.17
C THR A 399 -24.87 29.38 -4.47
N ALA A 400 -25.63 30.44 -4.15
CA ALA A 400 -26.91 30.27 -3.47
C ALA A 400 -27.93 29.56 -4.37
N LEU A 401 -28.09 30.03 -5.61
CA LEU A 401 -29.10 29.39 -6.45
C LEU A 401 -28.66 28.00 -6.86
N GLY A 402 -27.34 27.74 -6.85
CA GLY A 402 -26.86 26.38 -7.06
C GLY A 402 -27.27 25.43 -5.95
N ALA A 403 -27.22 25.92 -4.70
CA ALA A 403 -27.69 25.10 -3.59
C ALA A 403 -29.21 24.98 -3.61
N VAL A 404 -29.90 26.05 -3.99
CA VAL A 404 -31.33 25.98 -4.23
C VAL A 404 -31.64 24.93 -5.29
N ARG A 405 -30.85 24.91 -6.36
CA ARG A 405 -31.05 23.94 -7.44
C ARG A 405 -30.93 22.51 -6.93
N LEU A 406 -29.96 22.24 -6.05
CA LEU A 406 -29.79 20.90 -5.50
C LEU A 406 -30.95 20.49 -4.60
N ARG A 407 -31.37 21.39 -3.70
CA ARG A 407 -32.50 21.08 -2.83
C ARG A 407 -33.78 20.90 -3.64
N ALA A 408 -33.93 21.67 -4.72
CA ALA A 408 -35.12 21.55 -5.55
C ALA A 408 -35.20 20.18 -6.20
N ALA A 409 -34.06 19.58 -6.53
CA ALA A 409 -34.08 18.26 -7.16
C ALA A 409 -34.81 17.25 -6.28
N ASP A 410 -34.57 17.31 -4.97
CA ASP A 410 -35.27 16.42 -4.04
C ASP A 410 -36.75 16.75 -3.96
N LEU A 411 -37.10 18.05 -3.93
CA LEU A 411 -38.51 18.43 -3.85
C LEU A 411 -39.30 17.93 -5.04
N LEU A 412 -38.69 17.97 -6.23
CA LEU A 412 -39.37 17.52 -7.43
C LEU A 412 -39.31 16.01 -7.62
N GLY A 413 -38.60 15.30 -6.75
CA GLY A 413 -38.45 13.86 -6.89
C GLY A 413 -37.74 13.43 -8.16
N LEU A 414 -36.79 14.22 -8.65
CA LEU A 414 -36.09 13.88 -9.89
C LEU A 414 -35.37 12.55 -9.72
N LYS A 415 -35.41 11.74 -10.78
CA LYS A 415 -34.70 10.48 -10.81
C LYS A 415 -33.25 10.78 -11.15
N ARG A 416 -32.35 10.63 -10.17
CA ARG A 416 -30.92 10.82 -10.35
C ARG A 416 -30.25 9.45 -10.33
N GLU A 417 -29.86 8.98 -11.52
CA GLU A 417 -29.34 7.63 -11.68
C GLU A 417 -28.00 7.70 -12.41
N GLY A 418 -27.26 6.60 -12.29
CA GLY A 418 -26.07 6.41 -13.10
C GLY A 418 -24.87 7.16 -12.56
N PHE A 419 -23.85 7.22 -13.40
CA PHE A 419 -22.57 7.83 -13.05
C PHE A 419 -22.26 8.92 -14.07
N ARG A 420 -22.28 10.18 -13.61
CA ARG A 420 -22.01 11.34 -14.47
C ARG A 420 -20.71 12.01 -14.03
N PHE A 421 -19.62 11.69 -14.73
CA PHE A 421 -18.30 12.27 -14.51
C PHE A 421 -18.17 13.60 -15.28
N LEU A 422 -17.33 14.49 -14.76
CA LEU A 422 -16.91 15.63 -15.59
C LEU A 422 -15.60 16.17 -15.05
N TRP A 423 -14.88 16.84 -15.93
CA TRP A 423 -13.68 17.58 -15.56
C TRP A 423 -14.07 19.03 -15.32
N VAL A 424 -13.59 19.60 -14.23
CA VAL A 424 -13.64 21.05 -14.05
C VAL A 424 -12.20 21.55 -14.21
N VAL A 425 -12.00 22.51 -15.09
CA VAL A 425 -10.66 22.93 -15.52
C VAL A 425 -10.54 24.46 -15.43
N ASP A 426 -9.33 24.95 -15.63
CA ASP A 426 -9.06 26.40 -15.65
C ASP A 426 -9.47 27.08 -14.35
N PHE A 427 -9.19 26.43 -13.22
CA PHE A 427 -9.38 27.08 -11.93
C PHE A 427 -8.48 28.31 -11.85
N PRO A 428 -8.84 29.29 -11.02
CA PRO A 428 -7.90 30.37 -10.74
C PRO A 428 -6.70 29.83 -9.98
N LEU A 429 -5.53 30.42 -10.25
CA LEU A 429 -4.34 30.04 -9.51
C LEU A 429 -4.41 30.49 -8.06
N LEU A 430 -5.00 31.66 -7.80
CA LEU A 430 -4.93 32.30 -6.49
C LEU A 430 -6.29 32.65 -5.89
N GLU A 431 -6.28 33.42 -4.79
CA GLU A 431 -7.47 34.01 -4.17
C GLU A 431 -7.02 34.95 -3.06
N TRP A 432 -7.71 36.08 -2.91
CA TRP A 432 -7.32 37.12 -1.95
C TRP A 432 -7.45 36.66 -0.49
N ALA A 438 -4.07 39.65 1.41
CA ALA A 438 -3.00 39.19 0.52
C ALA A 438 -3.47 38.05 -0.39
N TRP A 439 -2.54 37.45 -1.14
CA TRP A 439 -2.83 36.38 -2.08
C TRP A 439 -2.47 35.01 -1.50
N THR A 440 -3.17 33.98 -1.98
CA THR A 440 -2.90 32.62 -1.54
C THR A 440 -3.31 31.63 -2.62
N TYR A 441 -2.62 30.49 -2.66
CA TYR A 441 -2.89 29.45 -3.63
C TYR A 441 -4.06 28.58 -3.15
N MET A 442 -4.55 27.74 -4.07
CA MET A 442 -5.71 26.91 -3.77
C MET A 442 -5.33 25.60 -3.11
N HIS A 443 -4.51 24.78 -3.76
CA HIS A 443 -4.13 23.49 -3.19
C HIS A 443 -2.70 23.52 -2.63
N HIS A 444 -1.70 23.46 -3.49
CA HIS A 444 -0.30 23.55 -3.09
C HIS A 444 0.40 24.48 -4.08
N PRO A 445 1.54 25.06 -3.69
CA PRO A 445 2.13 26.14 -4.49
C PRO A 445 2.96 25.69 -5.68
N PHE A 446 2.88 24.43 -6.08
CA PHE A 446 3.66 23.94 -7.20
C PHE A 446 2.85 23.89 -8.49
N THR A 447 1.59 24.31 -8.44
CA THR A 447 0.74 24.28 -9.61
C THR A 447 1.17 25.33 -10.62
N SER A 448 1.29 24.93 -11.88
CA SER A 448 1.77 25.84 -12.91
C SER A 448 0.70 26.86 -13.29
N PRO A 449 1.07 28.13 -13.46
CA PRO A 449 0.18 29.06 -14.14
C PRO A 449 -0.04 28.64 -15.59
N HIS A 450 -1.16 29.07 -16.14
CA HIS A 450 -1.39 28.94 -17.56
C HIS A 450 -0.31 29.71 -18.34
N PRO A 451 0.37 29.10 -19.30
CA PRO A 451 1.46 29.83 -19.99
C PRO A 451 1.02 31.15 -20.62
N GLU A 452 -0.18 31.23 -21.20
CA GLU A 452 -0.56 32.49 -21.83
C GLU A 452 -0.95 33.56 -20.82
N ASP A 453 -1.12 33.20 -19.54
CA ASP A 453 -1.46 34.15 -18.49
C ASP A 453 -0.25 34.59 -17.67
N LEU A 454 0.95 34.11 -17.99
CA LEU A 454 2.14 34.46 -17.20
C LEU A 454 2.36 35.95 -17.01
N PRO A 455 2.23 36.81 -18.03
CA PRO A 455 2.44 38.25 -17.78
C PRO A 455 1.46 38.85 -16.79
N LEU A 456 0.30 38.22 -16.57
CA LEU A 456 -0.67 38.75 -15.62
C LEU A 456 -0.34 38.40 -14.18
N LEU A 457 0.66 37.55 -13.97
CA LEU A 457 1.03 37.10 -12.63
C LEU A 457 1.26 38.29 -11.69
N GLU A 458 1.99 39.30 -12.17
CA GLU A 458 2.23 40.50 -11.37
C GLU A 458 1.21 41.61 -11.61
N LYS A 459 0.68 41.72 -12.83
CA LYS A 459 -0.27 42.79 -13.15
C LYS A 459 -1.64 42.53 -12.54
N ASP A 460 -2.26 41.39 -12.90
CA ASP A 460 -3.63 41.07 -12.51
C ASP A 460 -3.68 39.63 -11.99
N PRO A 461 -3.18 39.39 -10.77
CA PRO A 461 -3.03 38.00 -10.29
C PRO A 461 -4.34 37.24 -10.18
N GLY A 462 -5.43 37.89 -9.78
CA GLY A 462 -6.70 37.22 -9.63
C GLY A 462 -7.30 36.70 -10.92
N ARG A 463 -6.77 37.08 -12.07
CA ARG A 463 -7.25 36.59 -13.36
C ARG A 463 -6.35 35.52 -13.96
N VAL A 464 -5.30 35.12 -13.25
CA VAL A 464 -4.38 34.11 -13.79
C VAL A 464 -5.01 32.74 -13.64
N ARG A 465 -5.10 32.01 -14.74
CA ARG A 465 -5.59 30.64 -14.71
C ARG A 465 -4.46 29.69 -14.31
N ALA A 466 -4.84 28.61 -13.64
CA ALA A 466 -3.93 27.53 -13.33
C ALA A 466 -4.14 26.36 -14.29
N LEU A 467 -3.09 25.56 -14.47
CA LEU A 467 -3.21 24.30 -15.21
C LEU A 467 -3.63 23.19 -14.26
N ALA A 468 -4.74 23.40 -13.59
CA ALA A 468 -5.26 22.52 -12.55
C ALA A 468 -6.62 21.99 -12.96
N TYR A 469 -6.99 20.83 -12.43
CA TYR A 469 -8.24 20.19 -12.85
C TYR A 469 -8.80 19.36 -11.69
N ASP A 470 -10.13 19.30 -11.61
CA ASP A 470 -10.81 18.42 -10.66
C ASP A 470 -11.64 17.40 -11.44
N LEU A 471 -11.70 16.17 -10.94
CA LEU A 471 -12.60 15.17 -11.47
C LEU A 471 -13.80 15.07 -10.54
N VAL A 472 -15.00 15.21 -11.11
CA VAL A 472 -16.23 15.25 -10.34
C VAL A 472 -17.12 14.12 -10.82
N LEU A 473 -17.76 13.43 -9.87
CA LEU A 473 -18.73 12.38 -10.16
C LEU A 473 -19.99 12.65 -9.36
N ASN A 474 -21.13 12.85 -10.03
CA ASN A 474 -22.42 13.03 -9.36
C ASN A 474 -22.36 14.10 -8.28
N GLY A 475 -21.75 15.24 -8.59
CA GLY A 475 -21.72 16.32 -7.62
C GLY A 475 -20.68 16.19 -6.53
N VAL A 476 -19.73 15.27 -6.65
CA VAL A 476 -18.75 14.97 -5.61
C VAL A 476 -17.36 15.01 -6.22
N GLU A 477 -16.42 15.67 -5.53
CA GLU A 477 -15.05 15.72 -6.03
C GLU A 477 -14.35 14.40 -5.72
N VAL A 478 -13.94 13.67 -6.74
CA VAL A 478 -13.27 12.40 -6.55
C VAL A 478 -11.82 12.43 -6.99
N GLY A 479 -11.33 13.56 -7.49
CA GLY A 479 -9.93 13.61 -7.86
C GLY A 479 -9.51 15.03 -8.16
N GLY A 480 -8.23 15.35 -7.96
CA GLY A 480 -7.69 16.67 -8.20
C GLY A 480 -6.21 16.63 -8.52
N GLY A 481 -5.74 17.52 -9.38
CA GLY A 481 -4.33 17.57 -9.70
C GLY A 481 -4.01 18.79 -10.54
N SER A 482 -2.80 18.78 -11.12
CA SER A 482 -2.35 19.91 -11.93
C SER A 482 -1.08 19.54 -12.68
N ILE A 483 -0.75 20.36 -13.68
CA ILE A 483 0.59 20.43 -14.24
C ILE A 483 1.45 21.22 -13.27
N ARG A 484 2.68 20.78 -13.05
CA ARG A 484 3.51 21.40 -12.03
C ARG A 484 4.51 22.37 -12.63
N ILE A 485 5.04 23.24 -11.77
CA ILE A 485 6.12 24.13 -12.17
C ILE A 485 7.41 23.32 -12.20
N HIS A 486 8.12 23.36 -13.32
CA HIS A 486 9.41 22.71 -13.40
C HIS A 486 10.57 23.69 -13.53
N ASP A 487 10.29 24.97 -13.78
CA ASP A 487 11.32 26.00 -13.84
C ASP A 487 11.50 26.58 -12.45
N PRO A 488 12.66 26.42 -11.80
CA PRO A 488 12.87 27.05 -10.49
C PRO A 488 12.72 28.57 -10.52
N ARG A 489 13.05 29.23 -11.63
CA ARG A 489 12.92 30.68 -11.67
C ARG A 489 11.45 31.08 -11.71
N LEU A 490 10.60 30.26 -12.36
CA LEU A 490 9.17 30.52 -12.30
C LEU A 490 8.61 30.20 -10.92
N GLN A 491 9.13 29.15 -10.26
CA GLN A 491 8.65 28.84 -8.92
C GLN A 491 9.02 29.95 -7.94
N ALA A 492 10.23 30.49 -8.04
CA ALA A 492 10.58 31.63 -7.18
C ALA A 492 9.71 32.84 -7.52
N ARG A 493 9.38 33.00 -8.80
CA ARG A 493 8.51 34.10 -9.20
C ARG A 493 7.13 33.97 -8.57
N VAL A 494 6.59 32.75 -8.51
CA VAL A 494 5.30 32.55 -7.86
C VAL A 494 5.42 32.79 -6.37
N PHE A 495 6.54 32.39 -5.76
CA PHE A 495 6.73 32.65 -4.33
C PHE A 495 6.83 34.14 -4.04
N ARG A 496 7.58 34.90 -4.87
CA ARG A 496 7.64 36.34 -4.68
C ARG A 496 6.26 36.98 -4.77
N LEU A 497 5.39 36.45 -5.64
CA LEU A 497 4.03 36.97 -5.73
C LEU A 497 3.23 36.67 -4.47
N LEU A 498 3.49 35.54 -3.83
CA LEU A 498 2.77 35.14 -2.61
C LEU A 498 3.36 35.76 -1.35
N GLY A 499 4.49 36.48 -1.45
CA GLY A 499 5.14 37.03 -0.27
C GLY A 499 5.85 36.01 0.60
N ILE A 500 6.23 34.87 0.04
CA ILE A 500 6.83 33.77 0.79
C ILE A 500 8.34 33.90 0.68
N GLY A 501 8.99 34.33 1.77
CA GLY A 501 10.40 34.66 1.74
C GLY A 501 11.29 33.43 1.56
N GLU A 502 12.58 33.73 1.38
CA GLU A 502 13.57 32.67 1.15
C GLU A 502 13.72 31.78 2.38
N GLU A 503 13.75 32.37 3.58
CA GLU A 503 13.90 31.58 4.79
C GLU A 503 12.71 30.64 4.99
N GLU A 504 11.51 31.06 4.56
CA GLU A 504 10.32 30.23 4.70
C GLU A 504 10.26 29.14 3.63
N GLN A 505 10.73 29.44 2.42
CA GLN A 505 10.81 28.42 1.38
C GLN A 505 11.72 27.29 1.80
N ARG A 506 12.90 27.62 2.31
CA ARG A 506 13.87 26.61 2.72
C ARG A 506 13.33 25.74 3.84
N GLU A 507 12.75 26.38 4.87
CA GLU A 507 12.23 25.63 6.01
C GLU A 507 11.08 24.72 5.62
N LYS A 508 10.39 25.02 4.54
CA LYS A 508 9.19 24.30 4.15
C LYS A 508 9.37 23.42 2.92
N PHE A 509 10.20 23.84 1.97
CA PHE A 509 10.37 23.08 0.72
C PHE A 509 11.82 22.99 0.27
N GLY A 510 12.78 23.32 1.15
CA GLY A 510 14.16 23.49 0.72
C GLY A 510 14.69 22.33 -0.10
N PHE A 511 14.49 21.11 0.38
CA PHE A 511 15.06 19.96 -0.32
C PHE A 511 14.42 19.79 -1.70
N PHE A 512 13.16 20.18 -1.86
CA PHE A 512 12.55 20.01 -3.17
C PHE A 512 12.92 21.15 -4.11
N LEU A 513 12.94 22.37 -3.62
CA LEU A 513 13.34 23.50 -4.45
C LEU A 513 14.76 23.31 -4.98
N GLU A 514 15.64 22.72 -4.17
CA GLU A 514 16.97 22.42 -4.67
C GLU A 514 16.93 21.35 -5.75
N ALA A 515 15.98 20.42 -5.65
CA ALA A 515 15.88 19.37 -6.65
C ALA A 515 15.59 19.96 -8.02
N LEU A 516 14.78 21.04 -8.07
CA LEU A 516 14.45 21.67 -9.34
C LEU A 516 15.67 22.28 -10.03
N GLU A 517 16.76 22.52 -9.31
CA GLU A 517 17.97 23.09 -9.89
C GLU A 517 18.77 22.08 -10.69
N TYR A 518 18.38 20.81 -10.66
CA TYR A 518 19.12 19.75 -11.34
C TYR A 518 18.38 19.20 -12.56
N GLY A 519 17.46 19.97 -13.13
CA GLY A 519 16.83 19.60 -14.38
C GLY A 519 15.56 18.85 -14.17
N ALA A 520 14.50 19.55 -13.84
CA ALA A 520 13.25 18.80 -13.72
C ALA A 520 12.50 18.85 -15.05
N PRO A 521 11.93 17.72 -15.49
CA PRO A 521 11.17 17.73 -16.74
C PRO A 521 9.83 18.39 -16.53
N PRO A 522 9.16 18.83 -17.59
CA PRO A 522 7.73 19.17 -17.44
C PRO A 522 7.02 17.95 -16.88
N HIS A 523 6.12 18.18 -15.93
CA HIS A 523 5.38 17.03 -15.39
C HIS A 523 4.09 17.50 -14.75
N GLY A 524 3.20 16.54 -14.51
CA GLY A 524 1.90 16.81 -13.92
C GLY A 524 1.27 15.51 -13.47
N GLY A 525 0.20 15.63 -12.71
CA GLY A 525 -0.43 14.43 -12.19
C GLY A 525 -1.76 14.68 -11.53
N ILE A 526 -2.19 13.73 -10.71
CA ILE A 526 -3.52 13.78 -10.11
C ILE A 526 -3.54 12.78 -8.97
N ALA A 527 -4.52 12.92 -8.09
CA ALA A 527 -4.84 11.85 -7.14
C ALA A 527 -6.34 11.72 -7.05
N TRP A 528 -6.82 10.48 -7.08
CA TRP A 528 -8.22 10.17 -6.80
C TRP A 528 -8.43 9.92 -5.32
N GLY A 529 -9.59 10.31 -4.83
CA GLY A 529 -10.00 9.85 -3.52
C GLY A 529 -10.62 8.47 -3.66
N LEU A 530 -9.84 7.42 -3.37
CA LEU A 530 -10.30 6.07 -3.68
C LEU A 530 -11.49 5.69 -2.81
N ASP A 531 -11.44 5.98 -1.51
CA ASP A 531 -12.57 5.67 -0.64
C ASP A 531 -13.83 6.39 -1.12
N ARG A 532 -13.71 7.68 -1.44
CA ARG A 532 -14.84 8.45 -1.94
C ARG A 532 -15.42 7.84 -3.22
N LEU A 533 -14.55 7.43 -4.14
CA LEU A 533 -15.01 6.82 -5.38
C LEU A 533 -15.74 5.51 -5.11
N LEU A 534 -15.16 4.65 -4.27
CA LEU A 534 -15.80 3.38 -3.95
C LEU A 534 -17.16 3.58 -3.28
N ALA A 535 -17.27 4.57 -2.37
CA ALA A 535 -18.57 4.85 -1.76
C ALA A 535 -19.59 5.24 -2.81
N LEU A 536 -19.20 6.08 -3.76
CA LEU A 536 -20.12 6.45 -4.84
C LEU A 536 -20.42 5.24 -5.72
N MET A 537 -19.40 4.43 -6.03
CA MET A 537 -19.66 3.27 -6.87
C MET A 537 -20.63 2.29 -6.22
N THR A 538 -20.72 2.27 -4.89
CA THR A 538 -21.58 1.32 -4.18
C THR A 538 -22.87 1.95 -3.70
N GLY A 539 -23.07 3.24 -3.94
CA GLY A 539 -24.23 3.91 -3.35
C GLY A 539 -24.20 3.93 -1.83
N SER A 540 -23.01 3.94 -1.21
CA SER A 540 -22.93 3.96 0.25
C SER A 540 -23.06 5.39 0.77
N PRO A 541 -23.67 5.57 1.93
CA PRO A 541 -23.81 6.93 2.47
C PRO A 541 -22.54 7.47 3.12
N SER A 542 -21.50 6.65 3.29
CA SER A 542 -20.29 7.05 3.98
C SER A 542 -19.13 6.19 3.47
N ILE A 543 -17.92 6.77 3.45
CA ILE A 543 -16.75 5.96 3.09
C ILE A 543 -16.48 4.89 4.15
N ARG A 544 -17.06 5.00 5.34
CA ARG A 544 -16.92 3.95 6.34
C ARG A 544 -17.40 2.60 5.83
N GLU A 545 -18.31 2.59 4.85
CA GLU A 545 -18.84 1.35 4.31
C GLU A 545 -17.91 0.66 3.31
N VAL A 546 -16.86 1.34 2.85
CA VAL A 546 -15.93 0.73 1.91
C VAL A 546 -14.52 0.60 2.49
N ILE A 547 -14.38 0.79 3.79
CA ILE A 547 -13.13 0.61 4.51
C ILE A 547 -13.32 -0.56 5.46
N ALA A 548 -12.36 -1.49 5.49
CA ALA A 548 -12.54 -2.69 6.31
C ALA A 548 -12.67 -2.35 7.78
N PHE A 549 -11.73 -1.58 8.32
CA PHE A 549 -11.73 -1.25 9.75
C PHE A 549 -11.56 0.26 9.89
N PRO A 550 -12.63 1.02 9.69
CA PRO A 550 -12.51 2.47 9.74
C PRO A 550 -12.68 2.98 11.17
N LYS A 551 -12.37 4.26 11.36
CA LYS A 551 -12.77 4.94 12.59
C LYS A 551 -14.25 5.29 12.49
N ASN A 552 -14.86 5.60 13.65
CA ASN A 552 -16.20 6.18 13.64
C ASN A 552 -16.12 7.66 13.26
N LYS A 553 -17.28 8.34 13.23
CA LYS A 553 -17.33 9.72 12.77
C LYS A 553 -16.49 10.65 13.63
N GLU A 554 -16.16 10.26 14.85
CA GLU A 554 -15.38 11.10 15.75
C GLU A 554 -13.89 10.82 15.68
N GLY A 555 -13.45 9.85 14.88
CA GLY A 555 -12.03 9.56 14.74
C GLY A 555 -11.48 8.52 15.69
N LYS A 556 -12.31 7.89 16.51
CA LYS A 556 -11.90 6.84 17.42
C LYS A 556 -12.25 5.46 16.85
N ASP A 557 -11.67 4.42 17.43
CA ASP A 557 -11.88 3.06 16.95
C ASP A 557 -12.55 2.21 18.02
N PRO A 558 -13.86 1.99 17.93
CA PRO A 558 -14.54 1.18 18.96
C PRO A 558 -14.13 -0.27 18.95
N LEU A 559 -13.59 -0.78 17.83
CA LEU A 559 -13.17 -2.17 17.78
C LEU A 559 -12.04 -2.46 18.76
N THR A 560 -10.95 -1.69 18.68
CA THR A 560 -9.79 -1.95 19.52
C THR A 560 -9.70 -1.02 20.73
N GLY A 561 -10.43 0.10 20.73
CA GLY A 561 -10.35 1.07 21.80
C GLY A 561 -9.34 2.18 21.59
N ALA A 562 -8.55 2.13 20.52
CA ALA A 562 -7.63 3.22 20.22
C ALA A 562 -8.41 4.50 19.89
N PRO A 563 -7.84 5.68 20.21
CA PRO A 563 -6.58 5.87 20.93
C PRO A 563 -6.74 5.61 22.41
N SER A 564 -5.71 5.07 23.04
CA SER A 564 -5.72 4.61 24.41
C SER A 564 -4.44 5.06 25.08
N PRO A 565 -4.41 5.10 26.42
CA PRO A 565 -3.18 5.48 27.13
C PRO A 565 -2.12 4.40 26.98
N VAL A 566 -0.89 4.78 27.33
CA VAL A 566 0.21 3.83 27.40
C VAL A 566 0.76 3.86 28.82
N PRO A 567 1.42 2.80 29.29
CA PRO A 567 2.07 2.88 30.60
C PRO A 567 3.11 3.98 30.62
N GLU A 568 3.31 4.58 31.81
CA GLU A 568 4.21 5.70 31.91
C GLU A 568 5.64 5.33 31.51
N GLU A 569 6.04 4.08 31.75
CA GLU A 569 7.38 3.64 31.36
C GLU A 569 7.53 3.69 29.83
N GLN A 570 6.50 3.27 29.10
CA GLN A 570 6.59 3.32 27.64
C GLN A 570 6.77 4.75 27.14
N LEU A 571 6.11 5.71 27.78
CA LEU A 571 6.24 7.10 27.35
C LEU A 571 7.50 7.75 27.89
N ARG A 572 7.89 7.40 29.12
CA ARG A 572 9.15 7.94 29.65
C ARG A 572 10.33 7.48 28.81
N GLU A 573 10.26 6.26 28.25
CA GLU A 573 11.34 5.80 27.39
C GLU A 573 11.49 6.70 26.16
N LEU A 574 10.41 7.36 25.74
CA LEU A 574 10.46 8.30 24.63
C LEU A 574 10.91 9.69 25.08
N GLY A 575 11.07 9.93 26.38
CA GLY A 575 11.50 11.24 26.83
C GLY A 575 10.44 12.31 26.78
N LEU A 576 9.17 11.92 26.78
CA LEU A 576 8.06 12.86 26.75
C LEU A 576 7.19 12.66 27.98
N MET A 577 6.41 13.68 28.31
CA MET A 577 5.43 13.54 29.37
C MET A 577 4.20 14.38 29.07
N VAL A 578 3.08 13.97 29.65
CA VAL A 578 1.83 14.71 29.55
C VAL A 578 1.90 15.91 30.48
N VAL A 579 1.55 17.09 29.96
CA VAL A 579 1.73 18.34 30.71
C VAL A 579 0.66 18.51 31.78
N GLY B 1 -2.11 14.12 -28.67
CA GLY B 1 -1.33 13.22 -27.83
C GLY B 1 0.00 13.79 -27.39
N MET B 2 0.90 12.91 -26.97
CA MET B 2 2.24 13.33 -26.59
C MET B 2 3.01 13.89 -27.79
N ARG B 3 3.90 14.84 -27.53
CA ARG B 3 4.85 15.24 -28.56
C ARG B 3 5.81 14.11 -28.87
N ARG B 4 6.22 13.37 -27.84
CA ARG B 4 7.25 12.35 -27.96
C ARG B 4 6.74 11.20 -28.84
N THR B 5 7.56 10.80 -29.81
CA THR B 5 7.21 9.68 -30.67
C THR B 5 7.78 8.36 -30.19
N HIS B 6 8.89 8.39 -29.46
CA HIS B 6 9.55 7.19 -28.96
C HIS B 6 10.28 7.52 -27.67
N TYR B 7 10.49 6.48 -26.86
CA TYR B 7 11.51 6.58 -25.82
C TYR B 7 12.89 6.62 -26.48
N ALA B 8 13.76 7.48 -25.95
CA ALA B 8 15.07 7.67 -26.55
C ALA B 8 15.84 6.36 -26.66
N GLY B 9 15.92 5.61 -25.56
CA GLY B 9 16.66 4.37 -25.59
C GLY B 9 16.07 3.26 -26.41
N SER B 10 14.89 3.45 -27.01
CA SER B 10 14.27 2.36 -27.75
C SER B 10 14.53 2.40 -29.25
N LEU B 11 15.31 3.36 -29.74
CA LEU B 11 15.52 3.47 -31.19
C LEU B 11 16.47 2.38 -31.67
N ARG B 12 16.18 1.83 -32.85
CA ARG B 12 16.96 0.75 -33.45
C ARG B 12 17.15 1.03 -34.93
N GLU B 13 17.88 0.14 -35.61
CA GLU B 13 18.10 0.33 -37.04
C GLU B 13 16.80 0.24 -37.83
N THR B 14 15.78 -0.44 -37.30
CA THR B 14 14.49 -0.48 -37.97
C THR B 14 13.82 0.90 -38.05
N HIS B 15 14.32 1.91 -37.31
CA HIS B 15 13.75 3.25 -37.37
C HIS B 15 14.49 4.17 -38.32
N VAL B 16 15.54 3.68 -38.99
CA VAL B 16 16.33 4.54 -39.87
C VAL B 16 15.43 5.15 -40.92
N GLY B 17 15.56 6.45 -41.14
CA GLY B 17 14.73 7.17 -42.08
C GLY B 17 13.50 7.83 -41.47
N GLU B 18 13.09 7.44 -40.27
CA GLU B 18 11.94 8.06 -39.63
C GLU B 18 12.33 9.40 -39.02
N GLU B 19 11.35 10.29 -38.95
CA GLU B 19 11.46 11.52 -38.19
C GLU B 19 10.86 11.29 -36.80
N VAL B 20 11.62 11.63 -35.77
CA VAL B 20 11.25 11.31 -34.40
C VAL B 20 11.26 12.57 -33.55
N VAL B 21 10.51 12.52 -32.47
CA VAL B 21 10.52 13.58 -31.45
C VAL B 21 10.88 12.89 -30.14
N LEU B 22 11.95 13.35 -29.49
CA LEU B 22 12.43 12.71 -28.28
C LEU B 22 12.53 13.72 -27.15
N GLU B 23 12.44 13.23 -25.91
CA GLU B 23 12.53 14.07 -24.71
C GLU B 23 13.33 13.33 -23.66
N GLY B 24 14.24 14.05 -22.99
CA GLY B 24 15.14 13.38 -22.06
C GLY B 24 16.21 14.31 -21.52
N TRP B 25 17.17 13.70 -20.83
CA TRP B 25 18.27 14.38 -20.18
C TRP B 25 19.54 14.20 -20.99
N VAL B 26 20.40 15.21 -20.94
CA VAL B 26 21.69 15.13 -21.61
C VAL B 26 22.63 14.33 -20.72
N ASN B 27 22.90 13.08 -21.11
CA ASN B 27 23.82 12.23 -20.38
C ASN B 27 25.26 12.73 -20.48
N ARG B 28 25.63 13.27 -21.64
CA ARG B 28 27.00 13.70 -21.92
C ARG B 28 26.99 14.47 -23.23
N ARG B 29 27.84 15.50 -23.29
CA ARG B 29 28.03 16.31 -24.49
C ARG B 29 29.49 16.21 -24.93
N ARG B 30 29.72 16.04 -26.23
CA ARG B 30 31.09 16.09 -26.75
C ARG B 30 31.11 16.83 -28.08
N ASP B 31 32.09 17.71 -28.25
CA ASP B 31 32.24 18.54 -29.45
C ASP B 31 33.40 18.02 -30.30
N LEU B 32 33.17 17.90 -31.61
CA LEU B 32 34.16 17.31 -32.50
C LEU B 32 34.02 17.90 -33.90
N GLY B 33 35.05 18.61 -34.36
CA GLY B 33 35.08 19.18 -35.70
C GLY B 33 33.89 20.04 -36.04
N GLY B 34 33.35 20.75 -35.05
CA GLY B 34 32.16 21.55 -35.23
C GLY B 34 30.88 20.82 -34.94
N LEU B 35 30.89 19.50 -34.94
CA LEU B 35 29.69 18.75 -34.61
C LEU B 35 29.49 18.74 -33.09
N ILE B 36 28.23 18.73 -32.68
CA ILE B 36 27.89 18.61 -31.27
C ILE B 36 27.13 17.30 -31.09
N PHE B 37 27.74 16.36 -30.37
CA PHE B 37 27.13 15.07 -30.07
C PHE B 37 26.54 15.12 -28.66
N LEU B 38 25.23 14.89 -28.55
CA LEU B 38 24.54 14.82 -27.27
C LEU B 38 24.00 13.41 -27.07
N ASP B 39 24.45 12.73 -26.00
CA ASP B 39 23.83 11.47 -25.59
C ASP B 39 22.55 11.78 -24.80
N LEU B 40 21.40 11.54 -25.42
CA LEU B 40 20.10 11.79 -24.81
C LEU B 40 19.63 10.55 -24.08
N ARG B 41 19.15 10.75 -22.85
CA ARG B 41 18.81 9.68 -21.92
C ARG B 41 17.34 9.77 -21.51
N ASP B 42 16.64 8.63 -21.53
CA ASP B 42 15.44 8.49 -20.72
C ASP B 42 15.47 7.11 -20.08
N ARG B 43 14.35 6.69 -19.48
CA ARG B 43 14.37 5.44 -18.72
C ARG B 43 14.63 4.22 -19.60
N GLU B 44 14.51 4.33 -20.92
CA GLU B 44 14.85 3.21 -21.78
C GLU B 44 16.30 3.20 -22.23
N GLY B 45 17.08 4.23 -21.91
CA GLY B 45 18.51 4.26 -22.25
C GLY B 45 18.89 5.44 -23.11
N LEU B 46 20.09 5.37 -23.70
CA LEU B 46 20.74 6.45 -24.42
C LEU B 46 20.57 6.34 -25.93
N VAL B 47 20.47 7.50 -26.60
CA VAL B 47 20.59 7.58 -28.06
C VAL B 47 21.43 8.80 -28.41
N GLN B 48 22.26 8.67 -29.44
CA GLN B 48 23.11 9.78 -29.84
C GLN B 48 22.34 10.78 -30.70
N LEU B 49 22.38 12.06 -30.32
CA LEU B 49 21.89 13.15 -31.14
C LEU B 49 23.08 13.84 -31.80
N VAL B 50 22.90 14.33 -33.03
CA VAL B 50 23.96 15.03 -33.74
C VAL B 50 23.44 16.40 -34.18
N ALA B 51 24.12 17.44 -33.73
CA ALA B 51 23.80 18.82 -34.12
C ALA B 51 24.91 19.32 -35.05
N HIS B 52 24.53 19.62 -36.29
CA HIS B 52 25.41 20.08 -37.36
C HIS B 52 25.38 21.61 -37.42
N PRO B 53 26.53 22.26 -37.68
CA PRO B 53 26.55 23.74 -37.69
C PRO B 53 25.54 24.38 -38.64
N ALA B 54 25.10 23.67 -39.67
CA ALA B 54 24.15 24.24 -40.62
C ALA B 54 22.70 24.05 -40.20
N SER B 55 22.46 23.41 -39.10
CA SER B 55 21.10 23.11 -38.67
C SER B 55 20.53 24.26 -37.82
N PRO B 56 19.22 24.48 -37.87
CA PRO B 56 18.61 25.43 -36.93
C PRO B 56 18.74 25.01 -35.48
N ALA B 57 18.97 23.72 -35.22
CA ALA B 57 19.14 23.23 -33.86
C ALA B 57 20.49 23.60 -33.24
N TYR B 58 21.43 24.13 -34.03
CA TYR B 58 22.80 24.22 -33.57
C TYR B 58 22.97 25.27 -32.49
N ALA B 59 22.32 26.42 -32.65
CA ALA B 59 22.43 27.47 -31.64
C ALA B 59 21.97 26.95 -30.28
N THR B 60 20.84 26.24 -30.24
CA THR B 60 20.40 25.68 -28.97
C THR B 60 21.39 24.64 -28.43
N ALA B 61 21.87 23.74 -29.31
CA ALA B 61 22.78 22.70 -28.87
C ALA B 61 24.03 23.27 -28.21
N GLU B 62 24.49 24.45 -28.63
CA GLU B 62 25.69 25.04 -28.05
C GLU B 62 25.51 25.45 -26.59
N ARG B 63 24.28 25.72 -26.16
CA ARG B 63 24.02 26.08 -24.78
C ARG B 63 24.01 24.89 -23.82
N VAL B 64 23.76 23.69 -24.35
CA VAL B 64 23.38 22.55 -23.52
C VAL B 64 24.57 22.03 -22.72
N ARG B 65 24.31 21.63 -21.48
CA ARG B 65 25.28 21.01 -20.59
C ARG B 65 24.68 19.73 -20.04
N PRO B 66 25.50 18.88 -19.39
CA PRO B 66 24.96 17.63 -18.83
C PRO B 66 23.78 17.85 -17.90
N GLU B 67 22.83 16.91 -17.95
CA GLU B 67 21.62 16.83 -17.13
C GLU B 67 20.59 17.90 -17.47
N TRP B 68 20.84 18.73 -18.48
CA TRP B 68 19.77 19.57 -19.01
C TRP B 68 18.71 18.68 -19.65
N VAL B 69 17.47 19.17 -19.64
CA VAL B 69 16.33 18.45 -20.19
C VAL B 69 15.93 19.12 -21.51
N VAL B 70 15.83 18.32 -22.58
CA VAL B 70 15.61 18.87 -23.92
C VAL B 70 14.53 18.07 -24.63
N ARG B 71 13.90 18.73 -25.61
CA ARG B 71 13.07 18.06 -26.61
C ARG B 71 13.76 18.19 -27.95
N ALA B 72 13.97 17.05 -28.61
CA ALA B 72 14.78 16.96 -29.82
C ALA B 72 13.94 16.37 -30.96
N LYS B 73 14.15 16.89 -32.17
CA LYS B 73 13.48 16.38 -33.36
C LYS B 73 14.48 16.24 -34.49
N GLY B 74 14.35 15.15 -35.23
CA GLY B 74 15.30 14.89 -36.30
C GLY B 74 15.06 13.53 -36.92
N LEU B 75 16.00 13.15 -37.77
CA LEU B 75 15.90 11.95 -38.59
C LEU B 75 16.85 10.89 -38.06
N VAL B 76 16.35 9.67 -37.89
CA VAL B 76 17.19 8.55 -37.50
C VAL B 76 18.06 8.15 -38.68
N ARG B 77 19.36 8.04 -38.44
CA ARG B 77 20.30 7.62 -39.45
C ARG B 77 21.24 6.59 -38.83
N LEU B 78 21.87 5.79 -39.69
CA LEU B 78 22.95 4.92 -39.22
C LEU B 78 24.16 5.76 -38.84
N ARG B 79 24.88 5.32 -37.79
CA ARG B 79 26.18 5.89 -37.48
C ARG B 79 27.23 5.36 -38.47
N PRO B 80 28.20 6.18 -38.87
CA PRO B 80 29.33 5.63 -39.65
C PRO B 80 30.01 4.47 -38.93
N GLU B 81 30.29 4.61 -37.64
CA GLU B 81 30.83 3.52 -36.85
C GLU B 81 29.89 3.28 -35.66
N PRO B 82 29.35 2.08 -35.50
CA PRO B 82 28.38 1.84 -34.44
C PRO B 82 29.06 1.64 -33.08
N ASN B 83 28.30 1.92 -32.03
CA ASN B 83 28.79 1.74 -30.66
C ASN B 83 28.18 0.45 -30.14
N PRO B 84 28.93 -0.66 -30.08
CA PRO B 84 28.32 -1.94 -29.70
C PRO B 84 27.92 -2.03 -28.23
N ARG B 85 28.30 -1.08 -27.39
CA ARG B 85 27.92 -1.10 -25.98
C ARG B 85 26.54 -0.54 -25.73
N LEU B 86 25.86 0.00 -26.75
CA LEU B 86 24.56 0.64 -26.59
C LEU B 86 23.51 -0.10 -27.41
N ALA B 87 22.32 -0.23 -26.85
CA ALA B 87 21.23 -0.86 -27.58
C ALA B 87 20.85 -0.04 -28.82
N THR B 88 20.95 1.29 -28.74
CA THR B 88 20.73 2.14 -29.89
C THR B 88 22.00 2.38 -30.69
N GLY B 89 23.06 1.62 -30.42
CA GLY B 89 24.41 1.97 -30.86
C GLY B 89 24.62 2.00 -32.36
N ARG B 90 23.67 1.46 -33.15
CA ARG B 90 23.84 1.50 -34.59
C ARG B 90 23.33 2.78 -35.22
N VAL B 91 22.56 3.59 -34.49
CA VAL B 91 21.83 4.71 -35.08
C VAL B 91 22.14 5.99 -34.31
N GLU B 92 21.69 7.09 -34.89
CA GLU B 92 21.82 8.40 -34.27
C GLU B 92 20.67 9.23 -34.82
N VAL B 93 20.42 10.37 -34.19
CA VAL B 93 19.38 11.30 -34.63
C VAL B 93 20.07 12.56 -35.16
N GLU B 94 19.83 12.86 -36.43
CA GLU B 94 20.34 14.07 -37.08
C GLU B 94 19.39 15.22 -36.76
N LEU B 95 19.84 16.16 -35.93
CA LEU B 95 18.89 17.10 -35.34
C LEU B 95 18.44 18.14 -36.34
N SER B 96 17.12 18.31 -36.44
CA SER B 96 16.55 19.44 -37.15
C SER B 96 16.03 20.53 -36.21
N ALA B 97 15.70 20.18 -34.96
CA ALA B 97 15.26 21.14 -33.97
C ALA B 97 15.64 20.66 -32.58
N LEU B 98 15.87 21.62 -31.68
CA LEU B 98 16.23 21.31 -30.31
C LEU B 98 15.71 22.42 -29.41
N GLU B 99 15.01 22.04 -28.34
CA GLU B 99 14.49 23.02 -27.40
C GLU B 99 14.93 22.63 -25.99
N VAL B 100 15.38 23.62 -25.22
CA VAL B 100 15.71 23.41 -23.81
C VAL B 100 14.44 23.49 -22.98
N LEU B 101 14.11 22.41 -22.28
CA LEU B 101 12.97 22.40 -21.35
C LEU B 101 13.39 22.76 -19.94
N ALA B 102 14.62 22.43 -19.55
CA ALA B 102 15.12 22.77 -18.22
C ALA B 102 16.64 22.74 -18.22
N GLU B 103 17.23 23.67 -17.48
CA GLU B 103 18.66 23.69 -17.26
C GLU B 103 18.96 22.98 -15.95
N ALA B 104 20.24 22.72 -15.72
CA ALA B 104 20.64 21.93 -14.56
C ALA B 104 22.06 22.29 -14.17
N LYS B 105 22.32 22.36 -12.87
CA LYS B 105 23.69 22.53 -12.43
C LYS B 105 24.34 21.15 -12.26
N THR B 106 25.66 21.15 -12.13
CA THR B 106 26.41 19.91 -12.12
C THR B 106 26.03 19.07 -10.91
N PRO B 107 25.73 17.78 -11.07
CA PRO B 107 25.31 16.95 -9.93
C PRO B 107 26.48 16.69 -8.98
N PRO B 108 26.19 16.40 -7.71
CA PRO B 108 27.27 16.15 -6.74
C PRO B 108 27.95 14.81 -6.92
N PHE B 109 27.44 13.94 -7.79
CA PHE B 109 28.10 12.70 -8.15
C PHE B 109 27.57 12.29 -9.52
N PRO B 110 28.31 11.47 -10.26
CA PRO B 110 27.86 11.14 -11.62
C PRO B 110 26.73 10.12 -11.64
N VAL B 111 25.88 10.25 -12.65
CA VAL B 111 24.79 9.32 -12.89
C VAL B 111 24.84 8.74 -14.30
N ASP B 112 25.85 9.08 -15.09
CA ASP B 112 25.85 8.78 -16.51
C ASP B 112 26.51 7.45 -16.86
N ALA B 113 27.38 6.92 -16.00
CA ALA B 113 28.19 5.77 -16.38
C ALA B 113 27.34 4.54 -16.68
N GLY B 114 26.39 4.22 -15.80
CA GLY B 114 25.62 3.00 -15.96
C GLY B 114 24.80 2.95 -17.24
N TRP B 115 24.35 4.11 -17.71
CA TRP B 115 23.59 4.13 -18.95
C TRP B 115 24.46 3.81 -20.16
N ARG B 116 25.78 3.93 -20.04
CA ARG B 116 26.74 3.56 -21.09
C ARG B 116 27.26 2.14 -20.96
N GLY B 117 26.77 1.36 -20.00
CA GLY B 117 27.30 0.03 -19.76
C GLY B 117 28.63 0.01 -19.04
N GLU B 118 29.09 1.16 -18.53
CA GLU B 118 30.35 1.26 -17.82
C GLU B 118 30.12 1.12 -16.31
N GLU B 119 31.19 0.74 -15.60
CA GLU B 119 31.10 0.52 -14.17
C GLU B 119 30.95 1.85 -13.42
N GLU B 120 30.18 1.83 -12.34
CA GLU B 120 29.93 3.03 -11.55
C GLU B 120 30.83 3.03 -10.32
N LYS B 121 31.53 4.13 -10.09
CA LYS B 121 32.38 4.25 -8.92
C LYS B 121 31.52 4.47 -7.67
N GLU B 122 32.01 3.99 -6.54
CA GLU B 122 31.22 4.02 -5.31
C GLU B 122 31.17 5.43 -4.75
N ALA B 123 29.96 5.96 -4.57
CA ALA B 123 29.75 7.25 -3.94
C ALA B 123 29.31 7.06 -2.49
N SER B 124 29.55 8.09 -1.69
CA SER B 124 29.15 8.08 -0.28
C SER B 124 27.63 7.89 -0.15
N GLU B 125 27.22 6.89 0.63
CA GLU B 125 25.79 6.61 0.71
C GLU B 125 25.03 7.74 1.40
N GLU B 126 25.66 8.44 2.33
CA GLU B 126 24.97 9.58 2.93
C GLU B 126 24.73 10.68 1.90
N LEU B 127 25.64 10.85 0.94
CA LEU B 127 25.43 11.81 -0.13
C LEU B 127 24.37 11.34 -1.10
N ARG B 128 24.39 10.05 -1.44
CA ARG B 128 23.37 9.50 -2.33
C ARG B 128 21.98 9.66 -1.73
N LEU B 129 21.86 9.50 -0.41
CA LEU B 129 20.56 9.66 0.24
C LEU B 129 20.16 11.13 0.29
N LYS B 130 21.11 12.02 0.56
CA LYS B 130 20.80 13.44 0.63
C LYS B 130 20.29 13.94 -0.71
N TYR B 131 20.82 13.40 -1.81
CA TYR B 131 20.35 13.72 -3.15
C TYR B 131 19.70 12.51 -3.80
N ARG B 132 18.75 11.87 -3.10
CA ARG B 132 18.24 10.59 -3.60
C ARG B 132 17.53 10.75 -4.93
N TYR B 133 16.96 11.92 -5.22
CA TYR B 133 16.31 12.10 -6.51
C TYR B 133 17.30 12.10 -7.66
N LEU B 134 18.59 12.34 -7.40
CA LEU B 134 19.62 12.16 -8.43
C LEU B 134 20.15 10.73 -8.45
N ASP B 135 20.41 10.17 -7.27
CA ASP B 135 20.83 8.76 -7.18
C ASP B 135 19.87 7.86 -7.95
N LEU B 136 18.57 8.16 -7.90
CA LEU B 136 17.57 7.37 -8.60
C LEU B 136 17.60 7.54 -10.11
N ARG B 137 18.43 8.46 -10.64
CA ARG B 137 18.62 8.56 -12.08
C ARG B 137 19.50 7.45 -12.63
N ARG B 138 20.31 6.81 -11.78
CA ARG B 138 21.23 5.77 -12.24
C ARG B 138 20.47 4.57 -12.74
N ARG B 139 21.03 3.90 -13.76
CA ARG B 139 20.33 2.76 -14.35
C ARG B 139 20.07 1.68 -13.30
N ARG B 140 21.06 1.40 -12.45
CA ARG B 140 20.90 0.30 -11.49
C ARG B 140 19.74 0.56 -10.54
N MET B 141 19.58 1.81 -10.10
CA MET B 141 18.51 2.11 -9.15
C MET B 141 17.15 2.01 -9.82
N GLN B 142 17.06 2.43 -11.09
CA GLN B 142 15.80 2.32 -11.79
C GLN B 142 15.46 0.87 -12.04
N GLU B 143 16.47 0.05 -12.37
CA GLU B 143 16.26 -1.38 -12.53
C GLU B 143 15.71 -1.99 -11.25
N ASN B 144 16.29 -1.64 -10.11
CA ASN B 144 15.79 -2.13 -8.83
C ASN B 144 14.31 -1.77 -8.64
N LEU B 145 13.96 -0.50 -8.83
CA LEU B 145 12.58 -0.08 -8.60
C LEU B 145 11.63 -0.71 -9.61
N ARG B 146 12.07 -0.91 -10.85
CA ARG B 146 11.18 -1.52 -11.83
C ARG B 146 11.02 -3.01 -11.57
N LEU B 147 12.06 -3.68 -11.06
CA LEU B 147 11.89 -5.06 -10.60
C LEU B 147 10.89 -5.12 -9.45
N ARG B 148 10.99 -4.19 -8.50
CA ARG B 148 10.06 -4.13 -7.39
C ARG B 148 8.62 -4.03 -7.90
N HIS B 149 8.38 -3.15 -8.86
CA HIS B 149 7.08 -3.09 -9.51
C HIS B 149 6.68 -4.44 -10.08
N ARG B 150 7.57 -5.09 -10.82
CA ARG B 150 7.16 -6.33 -11.49
C ARG B 150 6.85 -7.44 -10.49
N VAL B 151 7.60 -7.48 -9.38
CA VAL B 151 7.34 -8.49 -8.36
C VAL B 151 5.97 -8.30 -7.73
N ILE B 152 5.63 -7.07 -7.37
CA ILE B 152 4.33 -6.83 -6.74
C ILE B 152 3.20 -7.13 -7.71
N LYS B 153 3.33 -6.71 -8.98
CA LYS B 153 2.28 -7.01 -9.96
C LYS B 153 2.11 -8.51 -10.16
N ALA B 154 3.22 -9.26 -10.19
CA ALA B 154 3.13 -10.71 -10.27
C ALA B 154 2.40 -11.27 -9.06
N ILE B 155 2.66 -10.71 -7.87
CA ILE B 155 1.98 -11.18 -6.66
C ILE B 155 0.48 -10.96 -6.78
N TRP B 156 0.08 -9.77 -7.23
CA TRP B 156 -1.34 -9.47 -7.45
C TRP B 156 -1.97 -10.44 -8.44
N ASP B 157 -1.30 -10.67 -9.57
CA ASP B 157 -1.85 -11.56 -10.59
C ASP B 157 -2.08 -12.96 -10.03
N PHE B 158 -1.11 -13.50 -9.30
CA PHE B 158 -1.21 -14.88 -8.82
C PHE B 158 -2.27 -15.01 -7.73
N LEU B 159 -2.20 -14.16 -6.70
CA LEU B 159 -3.13 -14.29 -5.59
C LEU B 159 -4.55 -13.94 -6.00
N ASP B 160 -4.72 -12.97 -6.90
CA ASP B 160 -6.04 -12.72 -7.46
C ASP B 160 -6.58 -13.98 -8.13
N ARG B 161 -5.74 -14.64 -8.93
CA ARG B 161 -6.15 -15.87 -9.60
C ARG B 161 -6.50 -16.96 -8.60
N GLU B 162 -5.85 -16.99 -7.44
CA GLU B 162 -6.11 -18.01 -6.43
C GLU B 162 -7.24 -17.63 -5.50
N GLY B 163 -7.91 -16.50 -5.74
CA GLY B 163 -9.07 -16.11 -4.96
C GLY B 163 -8.78 -15.32 -3.70
N PHE B 164 -7.56 -14.82 -3.53
CA PHE B 164 -7.27 -13.98 -2.37
C PHE B 164 -7.87 -12.59 -2.57
N VAL B 165 -8.38 -12.01 -1.49
CA VAL B 165 -8.96 -10.67 -1.50
C VAL B 165 -7.96 -9.72 -0.86
N GLN B 166 -7.55 -8.69 -1.60
CA GLN B 166 -6.67 -7.68 -1.02
C GLN B 166 -7.48 -6.79 -0.10
N VAL B 167 -7.06 -6.65 1.16
CA VAL B 167 -7.75 -5.77 2.11
C VAL B 167 -6.72 -4.86 2.76
N GLU B 168 -6.97 -3.56 2.72
CA GLU B 168 -6.11 -2.60 3.38
C GLU B 168 -6.55 -2.45 4.83
N THR B 169 -5.60 -2.56 5.76
CA THR B 169 -5.83 -2.54 7.21
C THR B 169 -5.30 -1.26 7.83
N PRO B 170 -5.69 -0.94 9.08
CA PRO B 170 -5.40 0.39 9.64
C PRO B 170 -3.93 0.66 9.92
N PHE B 171 -3.57 1.94 9.84
CA PHE B 171 -2.27 2.43 10.29
C PHE B 171 -2.33 3.09 11.66
N LEU B 172 -3.47 3.69 12.02
CA LEU B 172 -3.65 4.34 13.31
C LEU B 172 -4.51 3.39 14.14
N THR B 173 -3.86 2.60 15.00
CA THR B 173 -4.57 1.48 15.59
C THR B 173 -4.09 1.26 17.02
N LYS B 174 -4.24 0.02 17.51
CA LYS B 174 -4.12 -0.27 18.94
C LYS B 174 -2.69 -0.56 19.35
N SER B 175 -2.25 0.12 20.40
CA SER B 175 -0.91 0.00 20.95
C SER B 175 -0.66 -1.38 21.58
N PRO B 177 2.48 -5.99 17.63
CA PRO B 177 2.84 -6.94 18.70
C PRO B 177 3.79 -8.08 18.24
N GLU B 178 4.96 -7.74 17.68
CA GLU B 178 5.81 -8.71 16.98
C GLU B 178 7.21 -8.80 17.56
N GLY B 179 7.42 -8.31 18.78
CA GLY B 179 8.74 -8.38 19.39
C GLY B 179 9.59 -7.15 19.15
N ALA B 180 8.94 -5.98 19.19
CA ALA B 180 9.63 -4.70 19.05
C ALA B 180 8.84 -3.67 19.83
N ARG B 181 9.36 -2.45 19.86
CA ARG B 181 8.63 -1.33 20.46
C ARG B 181 7.71 -0.71 19.42
N ASP B 182 6.58 -0.20 19.89
CA ASP B 182 5.62 0.49 19.02
C ASP B 182 6.07 1.93 18.76
N PHE B 183 5.84 2.38 17.54
CA PHE B 183 5.85 3.82 17.22
C PHE B 183 4.50 4.40 17.57
N LEU B 184 4.49 5.48 18.34
CA LEU B 184 3.25 6.07 18.82
C LEU B 184 2.92 7.34 18.03
N VAL B 185 1.62 7.65 18.02
CA VAL B 185 1.08 8.86 17.40
C VAL B 185 0.18 9.54 18.44
N PRO B 186 0.54 10.71 18.97
CA PRO B 186 -0.28 11.35 20.00
C PRO B 186 -1.64 11.76 19.44
N TYR B 187 -2.68 11.54 20.25
CA TYR B 187 -4.04 11.95 19.92
C TYR B 187 -4.25 13.39 20.39
N ARG B 188 -4.47 14.30 19.43
CA ARG B 188 -4.44 15.74 19.72
C ARG B 188 -5.55 16.18 20.67
N HIS B 189 -6.74 15.59 20.56
CA HIS B 189 -7.88 16.10 21.32
C HIS B 189 -7.90 15.67 22.78
N GLU B 190 -7.15 14.64 23.16
CA GLU B 190 -7.08 14.19 24.54
C GLU B 190 -5.64 13.79 24.87
N PRO B 191 -4.83 14.75 25.30
CA PRO B 191 -3.44 14.43 25.68
C PRO B 191 -3.36 13.26 26.66
N GLY B 192 -2.36 12.41 26.47
CA GLY B 192 -2.27 11.15 27.15
C GLY B 192 -2.78 9.98 26.35
N LEU B 193 -3.55 10.24 25.30
CA LEU B 193 -4.03 9.20 24.39
C LEU B 193 -3.13 9.13 23.15
N PHE B 194 -2.94 7.91 22.65
CA PHE B 194 -2.05 7.66 21.52
C PHE B 194 -2.66 6.61 20.61
N TYR B 195 -2.37 6.72 19.33
CA TYR B 195 -2.41 5.59 18.42
C TYR B 195 -1.03 4.94 18.38
N ALA B 196 -1.00 3.71 17.90
CA ALA B 196 0.24 3.06 17.56
C ALA B 196 0.22 2.72 16.08
N LEU B 197 1.38 2.80 15.44
CA LEU B 197 1.54 2.25 14.11
C LEU B 197 1.65 0.73 14.20
N PRO B 198 1.10 -0.01 13.24
CA PRO B 198 1.08 -1.47 13.35
C PRO B 198 2.46 -2.07 13.14
N GLN B 199 2.90 -2.91 14.07
CA GLN B 199 4.09 -3.72 13.84
C GLN B 199 3.86 -4.76 12.77
N SER B 200 2.59 -5.16 12.56
CA SER B 200 2.17 -6.00 11.46
C SER B 200 0.64 -5.97 11.43
N PRO B 201 -0.01 -6.44 10.37
CA PRO B 201 -1.48 -6.51 10.39
C PRO B 201 -2.04 -7.77 11.05
N GLN B 202 -1.24 -8.47 11.86
CA GLN B 202 -1.55 -9.81 12.36
C GLN B 202 -2.99 -9.95 12.86
N LEU B 203 -3.36 -9.16 13.87
CA LEU B 203 -4.70 -9.30 14.43
C LEU B 203 -5.79 -8.91 13.44
N PHE B 204 -5.53 -7.97 12.53
CA PHE B 204 -6.57 -7.62 11.57
C PHE B 204 -6.80 -8.73 10.57
N LYS B 205 -5.75 -9.39 10.09
CA LYS B 205 -5.96 -10.44 9.12
C LYS B 205 -6.63 -11.65 9.76
N GLN B 206 -6.38 -11.93 11.04
CA GLN B 206 -7.11 -13.00 11.69
C GLN B 206 -8.58 -12.64 11.81
N MET B 207 -8.88 -11.38 12.13
CA MET B 207 -10.28 -10.95 12.19
C MET B 207 -10.96 -11.03 10.83
N LEU B 208 -10.20 -10.86 9.75
CA LEU B 208 -10.78 -11.03 8.43
C LEU B 208 -11.13 -12.50 8.16
N MET B 209 -10.46 -13.44 8.82
CA MET B 209 -10.88 -14.84 8.74
C MET B 209 -12.10 -15.11 9.62
N VAL B 210 -12.16 -14.51 10.81
CA VAL B 210 -13.39 -14.57 11.59
C VAL B 210 -14.55 -13.98 10.80
N ALA B 211 -14.27 -12.96 9.98
CA ALA B 211 -15.30 -12.34 9.17
C ALA B 211 -15.73 -13.18 7.99
N GLY B 212 -14.99 -14.23 7.65
CA GLY B 212 -15.43 -15.14 6.61
C GLY B 212 -14.94 -14.82 5.22
N LEU B 213 -13.90 -14.01 5.07
CA LEU B 213 -13.37 -13.68 3.75
C LEU B 213 -12.52 -14.79 3.15
N ASP B 214 -12.19 -15.82 3.95
CA ASP B 214 -11.50 -17.04 3.52
C ASP B 214 -10.02 -16.88 3.18
N ARG B 215 -9.67 -15.89 2.35
CA ARG B 215 -8.25 -15.70 2.01
C ARG B 215 -7.99 -14.24 1.70
N TYR B 216 -6.93 -13.70 2.31
CA TYR B 216 -6.61 -12.29 2.27
C TYR B 216 -5.14 -12.12 1.90
N PHE B 217 -4.82 -10.97 1.30
CA PHE B 217 -3.42 -10.57 1.21
C PHE B 217 -3.34 -9.05 1.22
N GLN B 218 -2.14 -8.55 1.51
CA GLN B 218 -1.90 -7.13 1.50
C GLN B 218 -0.39 -6.92 1.35
N ILE B 219 -0.02 -5.91 0.57
CA ILE B 219 1.36 -5.43 0.58
C ILE B 219 1.38 -4.41 1.71
N ALA B 220 1.78 -4.85 2.90
CA ALA B 220 1.55 -4.06 4.11
C ALA B 220 2.82 -3.39 4.59
N ARG B 221 2.70 -2.15 5.03
CA ARG B 221 3.81 -1.45 5.65
C ARG B 221 3.77 -1.74 7.14
N CYS B 222 4.91 -2.14 7.71
CA CYS B 222 5.05 -2.49 9.12
C CYS B 222 6.01 -1.52 9.78
N PHE B 223 5.75 -1.18 11.06
CA PHE B 223 6.55 -0.18 11.77
C PHE B 223 7.01 -0.78 13.08
N ARG B 224 8.34 -0.79 13.30
CA ARG B 224 8.92 -1.43 14.47
C ARG B 224 10.10 -0.61 14.95
N ASP B 225 10.01 -0.13 16.18
CA ASP B 225 11.04 0.72 16.77
C ASP B 225 12.06 -0.20 17.43
N GLU B 226 13.03 -0.66 16.66
CA GLU B 226 14.09 -1.54 17.15
C GLU B 226 15.42 -0.82 17.09
N ASP B 227 16.40 -1.39 17.81
CA ASP B 227 17.78 -1.10 17.46
C ASP B 227 17.98 -1.49 16.00
N LEU B 228 18.30 -0.51 15.16
CA LEU B 228 18.37 -0.76 13.73
C LEU B 228 19.62 -1.52 13.31
N ARG B 229 20.33 -2.12 14.28
CA ARG B 229 21.40 -3.06 13.97
C ARG B 229 20.90 -4.13 13.00
N ALA B 230 21.78 -4.54 12.09
CA ALA B 230 21.50 -5.59 11.09
C ALA B 230 20.58 -5.06 9.98
N ASP B 231 20.90 -3.86 9.49
CA ASP B 231 20.30 -3.28 8.27
C ASP B 231 18.77 -3.22 8.39
N ARG B 232 18.30 -2.73 9.54
CA ARG B 232 16.89 -2.57 9.79
C ARG B 232 16.43 -1.18 9.33
N GLN B 233 15.25 -1.11 8.78
CA GLN B 233 14.61 0.16 8.53
C GLN B 233 13.46 0.35 9.52
N PRO B 234 13.22 1.57 10.00
CA PRO B 234 12.13 1.75 10.99
C PRO B 234 10.79 1.27 10.48
N ASP B 235 10.49 1.45 9.20
CA ASP B 235 9.34 0.80 8.58
C ASP B 235 9.80 0.06 7.34
N PHE B 236 9.04 -0.98 6.99
CA PHE B 236 9.42 -1.91 5.94
C PHE B 236 8.15 -2.57 5.42
N THR B 237 8.30 -3.36 4.36
CA THR B 237 7.16 -3.87 3.63
C THR B 237 7.09 -5.39 3.69
N GLN B 238 5.89 -5.90 3.88
CA GLN B 238 5.59 -7.33 3.91
C GLN B 238 4.54 -7.65 2.85
N LEU B 239 4.73 -8.77 2.16
CA LEU B 239 3.61 -9.47 1.58
C LEU B 239 2.96 -10.25 2.72
N ASP B 240 1.81 -9.80 3.16
CA ASP B 240 1.08 -10.42 4.26
C ASP B 240 -0.09 -11.23 3.67
N LEU B 241 -0.34 -12.42 4.22
CA LEU B 241 -1.46 -13.21 3.71
C LEU B 241 -1.95 -14.18 4.77
N GLU B 242 -3.23 -14.55 4.64
CA GLU B 242 -3.90 -15.41 5.60
C GLU B 242 -4.92 -16.24 4.85
N MET B 243 -5.15 -17.46 5.35
CA MET B 243 -6.07 -18.41 4.71
C MET B 243 -6.89 -19.10 5.78
N SER B 244 -8.08 -19.57 5.40
CA SER B 244 -8.96 -20.30 6.29
C SER B 244 -9.01 -21.77 5.91
N PHE B 245 -9.31 -22.60 6.91
CA PHE B 245 -9.48 -24.04 6.72
C PHE B 245 -8.24 -24.67 6.08
N VAL B 246 -7.08 -24.36 6.65
CA VAL B 246 -5.81 -24.84 6.11
C VAL B 246 -5.03 -25.56 7.20
N GLU B 247 -4.22 -26.53 6.77
CA GLU B 247 -3.15 -27.09 7.56
C GLU B 247 -1.84 -26.48 7.09
N VAL B 248 -0.76 -26.76 7.83
CA VAL B 248 0.56 -26.23 7.48
C VAL B 248 0.88 -26.48 6.01
N GLU B 249 0.71 -27.71 5.54
CA GLU B 249 1.06 -28.06 4.17
C GLU B 249 0.33 -27.18 3.16
N ASP B 250 -0.93 -26.82 3.43
CA ASP B 250 -1.66 -25.96 2.49
C ASP B 250 -1.01 -24.59 2.36
N VAL B 251 -0.57 -24.02 3.49
CA VAL B 251 0.09 -22.72 3.43
C VAL B 251 1.42 -22.83 2.70
N LEU B 252 2.18 -23.88 2.99
CA LEU B 252 3.51 -24.04 2.40
C LEU B 252 3.43 -24.19 0.90
N GLU B 253 2.45 -24.96 0.41
CA GLU B 253 2.39 -25.25 -1.01
C GLU B 253 1.95 -24.02 -1.80
N LEU B 254 0.97 -23.28 -1.27
CA LEU B 254 0.54 -22.08 -1.97
C LEU B 254 1.69 -21.07 -2.08
N ASN B 255 2.46 -20.90 -1.01
CA ASN B 255 3.56 -19.95 -1.02
C ASN B 255 4.66 -20.36 -1.99
N GLU B 256 4.99 -21.66 -2.04
CA GLU B 256 5.96 -22.18 -3.01
C GLU B 256 5.57 -21.84 -4.43
N ARG B 257 4.32 -22.15 -4.80
CA ARG B 257 3.85 -21.83 -6.13
C ARG B 257 3.87 -20.33 -6.39
N LEU B 258 3.49 -19.53 -5.39
CA LEU B 258 3.55 -18.07 -5.56
C LEU B 258 4.99 -17.61 -5.80
N MET B 259 5.93 -18.12 -5.00
CA MET B 259 7.32 -17.71 -5.16
C MET B 259 7.86 -18.11 -6.52
N ALA B 260 7.55 -19.33 -6.98
CA ALA B 260 8.01 -19.74 -8.30
C ALA B 260 7.44 -18.84 -9.38
N HIS B 261 6.18 -18.42 -9.21
CA HIS B 261 5.59 -17.50 -10.19
C HIS B 261 6.33 -16.17 -10.19
N VAL B 262 6.54 -15.60 -9.01
CA VAL B 262 7.23 -14.32 -8.90
C VAL B 262 8.58 -14.39 -9.61
N PHE B 263 9.37 -15.42 -9.31
CA PHE B 263 10.71 -15.51 -9.87
C PHE B 263 10.67 -15.74 -11.38
N ARG B 264 9.69 -16.51 -11.85
CA ARG B 264 9.57 -16.73 -13.30
C ARG B 264 9.24 -15.43 -14.03
N GLU B 265 8.23 -14.70 -13.53
CA GLU B 265 7.72 -13.54 -14.25
C GLU B 265 8.60 -12.31 -14.12
N ALA B 266 9.24 -12.12 -12.97
CA ALA B 266 10.02 -10.92 -12.73
C ALA B 266 11.51 -11.07 -13.00
N LEU B 267 12.06 -12.27 -12.83
CA LEU B 267 13.49 -12.52 -13.01
C LEU B 267 13.81 -13.46 -14.16
N GLY B 268 12.82 -14.15 -14.72
CA GLY B 268 13.10 -15.18 -15.70
C GLY B 268 13.83 -16.38 -15.13
N VAL B 269 13.65 -16.68 -13.84
CA VAL B 269 14.34 -17.76 -13.15
C VAL B 269 13.33 -18.84 -12.81
N GLU B 270 13.68 -20.09 -13.10
CA GLU B 270 12.87 -21.24 -12.72
C GLU B 270 13.32 -21.76 -11.35
N LEU B 271 12.39 -21.84 -10.41
CA LEU B 271 12.67 -22.41 -9.11
C LEU B 271 12.09 -23.82 -9.05
N PRO B 272 12.91 -24.87 -8.94
CA PRO B 272 12.36 -26.22 -8.85
C PRO B 272 11.49 -26.39 -7.62
N LEU B 273 10.39 -27.12 -7.78
CA LEU B 273 9.44 -27.33 -6.71
C LEU B 273 9.29 -28.82 -6.43
N PRO B 274 8.95 -29.19 -5.17
CA PRO B 274 8.77 -28.27 -4.05
C PRO B 274 10.11 -27.84 -3.43
N PHE B 275 10.08 -26.82 -2.58
CA PHE B 275 11.27 -26.43 -1.86
C PHE B 275 11.65 -27.54 -0.88
N PRO B 276 12.95 -27.71 -0.61
CA PRO B 276 13.34 -28.60 0.50
C PRO B 276 12.75 -28.11 1.82
N ARG B 277 12.51 -29.07 2.71
CA ARG B 277 11.98 -28.83 4.04
C ARG B 277 12.95 -29.41 5.05
N LEU B 278 13.27 -28.64 6.09
CA LEU B 278 14.07 -29.14 7.20
C LEU B 278 13.36 -28.78 8.49
N SER B 279 13.37 -29.69 9.46
CA SER B 279 12.82 -29.33 10.74
C SER B 279 13.80 -28.42 11.49
N TYR B 280 13.28 -27.74 12.50
CA TYR B 280 14.12 -26.87 13.32
C TYR B 280 15.32 -27.63 13.86
N GLU B 281 15.10 -28.83 14.43
CA GLU B 281 16.20 -29.61 14.98
C GLU B 281 17.14 -30.10 13.90
N GLU B 282 16.60 -30.60 12.78
CA GLU B 282 17.43 -31.01 11.65
C GLU B 282 18.30 -29.86 11.15
N ALA B 283 17.72 -28.67 11.03
CA ALA B 283 18.47 -27.53 10.52
C ALA B 283 19.65 -27.19 11.41
N MET B 284 19.44 -27.21 12.72
CA MET B 284 20.50 -26.81 13.63
C MET B 284 21.52 -27.93 13.84
N GLU B 285 21.08 -29.19 13.79
CA GLU B 285 22.04 -30.30 13.80
C GLU B 285 22.97 -30.24 12.60
N ARG B 286 22.40 -30.13 11.40
CA ARG B 286 23.20 -30.23 10.19
C ARG B 286 23.91 -28.92 9.85
N TYR B 287 23.32 -27.77 10.19
CA TYR B 287 23.87 -26.49 9.77
C TYR B 287 24.15 -25.52 10.91
N GLY B 288 23.73 -25.82 12.14
CA GLY B 288 23.95 -24.89 13.24
C GLY B 288 23.24 -23.57 13.08
N SER B 289 22.10 -23.56 12.39
CA SER B 289 21.37 -22.33 12.11
C SER B 289 19.96 -22.68 11.69
N ASP B 290 18.99 -21.89 12.14
CA ASP B 290 17.61 -22.03 11.69
C ASP B 290 17.35 -21.25 10.40
N LYS B 291 18.38 -20.66 9.80
CA LYS B 291 18.30 -20.05 8.47
C LYS B 291 19.44 -20.61 7.63
N PRO B 292 19.44 -21.91 7.35
CA PRO B 292 20.62 -22.52 6.73
C PRO B 292 20.87 -21.96 5.34
N ASP B 293 22.15 -21.82 5.02
CA ASP B 293 22.60 -21.43 3.68
C ASP B 293 22.93 -22.70 2.93
N LEU B 294 22.07 -23.07 1.98
CA LEU B 294 22.20 -24.33 1.25
C LEU B 294 23.00 -24.18 -0.05
N ARG B 295 23.64 -23.04 -0.26
CA ARG B 295 24.45 -22.84 -1.46
C ARG B 295 25.80 -23.53 -1.38
N PHE B 296 26.10 -24.21 -0.28
CA PHE B 296 27.33 -24.99 -0.17
C PHE B 296 27.10 -26.06 0.88
N GLY B 297 28.06 -26.97 0.98
CA GLY B 297 27.93 -28.11 1.87
C GLY B 297 28.53 -27.85 3.23
N LEU B 298 29.55 -28.64 3.60
CA LEU B 298 30.25 -28.49 4.87
C LEU B 298 29.29 -28.66 6.05
N GLU B 299 28.58 -29.78 6.06
CA GLU B 299 27.60 -30.02 7.12
C GLU B 299 28.29 -30.34 8.44
N LEU B 300 27.58 -30.05 9.54
CA LEU B 300 28.11 -30.33 10.87
C LEU B 300 27.84 -31.77 11.25
N LYS B 301 28.82 -32.40 11.91
CA LYS B 301 28.71 -33.78 12.35
C LYS B 301 28.86 -33.85 13.87
N GLU B 302 27.99 -34.64 14.49
CA GLU B 302 28.02 -34.89 15.93
C GLU B 302 29.03 -36.00 16.23
N VAL B 303 30.03 -35.71 17.06
CA VAL B 303 31.04 -36.72 17.38
C VAL B 303 31.20 -36.91 18.89
N GLY B 304 30.32 -36.30 19.69
CA GLY B 304 30.32 -36.49 21.13
C GLY B 304 30.42 -37.95 21.58
N PRO B 305 29.64 -38.85 20.96
CA PRO B 305 29.66 -40.26 21.39
C PRO B 305 30.98 -40.97 21.09
N LEU B 306 31.91 -40.31 20.39
CA LEU B 306 33.25 -40.82 20.14
C LEU B 306 34.22 -40.54 21.28
N PHE B 307 33.89 -39.66 22.22
CA PHE B 307 34.85 -39.21 23.22
C PHE B 307 34.46 -39.60 24.65
N ARG B 308 33.56 -40.57 24.83
CA ARG B 308 33.14 -40.88 26.19
C ARG B 308 34.21 -41.62 27.00
N GLN B 309 35.23 -42.18 26.35
CA GLN B 309 36.38 -42.76 27.05
C GLN B 309 37.66 -41.94 26.86
N SER B 310 37.55 -40.66 26.47
CA SER B 310 38.71 -39.86 26.14
C SER B 310 39.27 -39.12 27.34
N GLY B 311 40.61 -39.01 27.38
CA GLY B 311 41.30 -38.20 28.37
C GLY B 311 41.13 -36.70 28.23
N PHE B 312 40.52 -36.23 27.14
CA PHE B 312 40.31 -34.80 26.90
C PHE B 312 39.01 -34.37 27.58
N ARG B 313 39.13 -33.87 28.82
CA ARG B 313 37.95 -33.62 29.65
C ARG B 313 37.00 -32.59 29.03
N VAL B 314 37.54 -31.65 28.25
CA VAL B 314 36.71 -30.60 27.67
C VAL B 314 35.75 -31.18 26.65
N PHE B 315 36.19 -32.23 25.97
CA PHE B 315 35.34 -33.03 25.09
C PHE B 315 34.50 -34.00 25.90
N GLN B 316 35.12 -34.73 26.83
CA GLN B 316 34.45 -35.84 27.50
C GLN B 316 33.27 -35.38 28.34
N GLU B 317 33.33 -34.17 28.91
CA GLU B 317 32.20 -33.69 29.71
C GLU B 317 31.11 -33.01 28.89
N ALA B 318 31.39 -32.65 27.63
CA ALA B 318 30.46 -31.79 26.90
C ALA B 318 29.22 -32.58 26.50
N GLU B 319 28.05 -31.95 26.59
CA GLU B 319 26.86 -32.57 26.04
C GLU B 319 27.05 -32.94 24.58
N SER B 320 27.65 -32.06 23.80
CA SER B 320 27.87 -32.27 22.37
C SER B 320 29.25 -31.79 21.95
N VAL B 321 29.87 -32.51 21.00
CA VAL B 321 31.04 -32.00 20.30
C VAL B 321 30.72 -32.13 18.81
N LYS B 322 30.55 -31.00 18.14
CA LYS B 322 30.28 -30.98 16.70
C LYS B 322 31.57 -30.70 15.94
N ALA B 323 31.74 -31.39 14.82
CA ALA B 323 32.91 -31.24 13.98
C ALA B 323 32.54 -30.86 12.55
N LEU B 324 33.48 -30.18 11.89
CA LEU B 324 33.34 -29.73 10.52
C LEU B 324 34.70 -29.87 9.85
N ALA B 325 34.72 -30.49 8.68
CA ALA B 325 35.93 -30.69 7.90
C ALA B 325 35.94 -29.75 6.70
N LEU B 326 36.93 -28.87 6.66
CA LEU B 326 37.14 -27.88 5.62
C LEU B 326 38.19 -28.41 4.65
N PRO B 327 37.97 -28.32 3.35
CA PRO B 327 38.92 -28.83 2.34
C PRO B 327 40.10 -27.91 2.06
N LYS B 328 40.86 -27.60 3.12
CA LYS B 328 42.00 -26.70 3.03
C LYS B 328 42.80 -26.77 4.32
N ALA B 329 44.11 -26.58 4.17
CA ALA B 329 45.05 -26.50 5.30
C ALA B 329 45.13 -25.04 5.72
N LEU B 330 44.40 -24.68 6.78
CA LEU B 330 44.35 -23.28 7.17
C LEU B 330 45.67 -22.80 7.76
N SER B 331 45.96 -21.51 7.57
CA SER B 331 47.04 -20.85 8.29
C SER B 331 46.65 -20.64 9.76
N ARG B 332 47.67 -20.49 10.61
CA ARG B 332 47.36 -20.20 12.01
C ARG B 332 46.60 -18.88 12.20
N LYS B 333 46.85 -17.88 11.35
CA LYS B 333 46.09 -16.63 11.46
C LYS B 333 44.60 -16.82 11.20
N GLU B 334 44.29 -17.52 10.11
CA GLU B 334 42.90 -17.78 9.73
C GLU B 334 42.17 -18.62 10.78
N VAL B 335 42.83 -19.65 11.32
CA VAL B 335 42.25 -20.45 12.40
C VAL B 335 41.89 -19.55 13.58
N ALA B 336 42.80 -18.65 13.97
CA ALA B 336 42.49 -17.77 15.10
C ALA B 336 41.30 -16.88 14.78
N GLU B 337 41.15 -16.51 13.50
CA GLU B 337 39.99 -15.72 13.07
C GLU B 337 38.70 -16.52 13.28
N LEU B 338 38.67 -17.77 12.80
CA LEU B 338 37.50 -18.62 13.02
C LEU B 338 37.27 -18.88 14.50
N GLU B 339 38.35 -19.07 15.26
CA GLU B 339 38.21 -19.23 16.70
C GLU B 339 37.55 -18.00 17.32
N GLU B 340 37.88 -16.80 16.82
CA GLU B 340 37.26 -15.61 17.38
C GLU B 340 35.78 -15.55 17.03
N VAL B 341 35.43 -15.91 15.79
CA VAL B 341 34.03 -16.06 15.43
C VAL B 341 33.33 -17.02 16.39
N ALA B 342 33.93 -18.20 16.60
CA ALA B 342 33.35 -19.19 17.49
C ALA B 342 33.14 -18.63 18.89
N LYS B 343 34.16 -17.94 19.42
CA LYS B 343 34.05 -17.38 20.77
C LYS B 343 33.02 -16.27 20.84
N ARG B 344 32.87 -15.50 19.75
CA ARG B 344 31.82 -14.50 19.67
C ARG B 344 30.42 -15.10 19.70
N HIS B 345 30.27 -16.38 19.41
CA HIS B 345 28.99 -17.08 19.48
C HIS B 345 28.87 -17.98 20.70
N LYS B 346 29.54 -17.64 21.80
CA LYS B 346 29.37 -18.25 23.13
C LYS B 346 30.10 -19.57 23.25
N ALA B 347 30.91 -19.95 22.27
CA ALA B 347 31.68 -21.19 22.37
C ALA B 347 32.82 -21.03 23.36
N GLN B 348 33.22 -22.16 23.97
CA GLN B 348 34.37 -22.16 24.84
C GLN B 348 35.67 -22.06 24.07
N GLY B 349 35.65 -22.32 22.77
CA GLY B 349 36.85 -22.26 21.96
C GLY B 349 36.68 -23.04 20.68
N LEU B 350 37.75 -23.09 19.92
CA LEU B 350 37.77 -23.79 18.64
C LEU B 350 39.02 -24.66 18.64
N ALA B 351 38.85 -25.95 18.40
CA ALA B 351 39.95 -26.87 18.24
C ALA B 351 40.22 -27.09 16.77
N TRP B 352 41.45 -27.50 16.46
CA TRP B 352 41.85 -27.64 15.07
C TRP B 352 42.91 -28.73 14.97
N ALA B 353 43.12 -29.19 13.74
CA ALA B 353 44.21 -30.09 13.40
C ALA B 353 44.36 -30.09 11.88
N ARG B 354 45.28 -30.91 11.38
CA ARG B 354 45.42 -31.18 9.96
C ARG B 354 45.30 -32.66 9.66
N VAL B 355 44.74 -32.97 8.49
CA VAL B 355 44.66 -34.33 7.97
C VAL B 355 45.78 -34.48 6.96
N GLU B 356 46.65 -35.45 7.21
CA GLU B 356 47.81 -35.84 6.42
C GLU B 356 47.65 -37.28 5.98
N GLU B 357 48.63 -37.79 5.23
CA GLU B 357 48.43 -39.00 4.45
C GLU B 357 48.14 -40.20 5.36
N GLY B 358 48.72 -40.22 6.55
CA GLY B 358 48.49 -41.33 7.46
C GLY B 358 48.04 -40.86 8.83
N GLY B 359 48.70 -39.84 9.37
CA GLY B 359 48.38 -39.32 10.68
C GLY B 359 47.83 -37.91 10.63
N PHE B 360 47.99 -37.19 11.74
CA PHE B 360 47.41 -35.86 11.92
C PHE B 360 48.52 -34.90 12.31
N SER B 361 48.29 -33.60 12.11
CA SER B 361 49.27 -32.63 12.57
C SER B 361 48.62 -31.31 12.96
N GLY B 362 49.17 -30.67 13.99
CA GLY B 362 48.71 -29.40 14.50
C GLY B 362 47.59 -29.50 15.52
N GLY B 363 47.47 -28.44 16.31
CA GLY B 363 46.43 -28.31 17.31
C GLY B 363 46.24 -29.49 18.24
N VAL B 364 45.03 -30.04 18.20
CA VAL B 364 44.60 -31.08 19.12
C VAL B 364 44.83 -32.46 18.46
N ALA B 365 45.67 -32.51 17.41
CA ALA B 365 45.89 -33.74 16.65
C ALA B 365 46.21 -34.92 17.57
N LYS B 366 46.97 -34.66 18.64
CA LYS B 366 47.34 -35.71 19.57
C LYS B 366 46.10 -36.43 20.10
N PHE B 367 45.07 -35.67 20.48
CA PHE B 367 43.88 -36.30 21.05
C PHE B 367 42.97 -36.87 19.98
N LEU B 368 43.23 -36.55 18.70
CA LEU B 368 42.47 -37.10 17.57
C LEU B 368 43.03 -38.42 17.07
N GLU B 369 44.32 -38.67 17.25
CA GLU B 369 44.94 -39.90 16.77
C GLU B 369 44.28 -41.16 17.32
N PRO B 370 43.96 -41.25 18.62
CA PRO B 370 43.32 -42.47 19.17
C PRO B 370 41.98 -42.87 18.55
N VAL B 371 41.23 -41.95 17.93
CA VAL B 371 39.92 -42.27 17.36
C VAL B 371 39.85 -42.09 15.85
N ARG B 372 40.98 -42.29 15.17
CA ARG B 372 41.12 -41.92 13.77
C ARG B 372 40.11 -42.64 12.86
N GLU B 373 40.03 -43.98 12.94
CA GLU B 373 39.15 -44.72 12.02
C GLU B 373 37.70 -44.23 12.08
N ALA B 374 37.12 -44.13 13.29
CA ALA B 374 35.71 -43.76 13.38
C ALA B 374 35.47 -42.33 12.93
N LEU B 375 36.41 -41.45 13.27
CA LEU B 375 36.35 -40.02 12.92
C LEU B 375 36.39 -39.80 11.41
N LEU B 376 37.28 -40.49 10.70
CA LEU B 376 37.34 -40.33 9.25
C LEU B 376 36.06 -40.83 8.59
N GLN B 377 35.45 -41.89 9.12
CA GLN B 377 34.19 -42.34 8.55
C GLN B 377 33.09 -41.32 8.82
N ALA B 378 33.12 -40.70 10.01
CA ALA B 378 32.09 -39.75 10.42
C ALA B 378 32.23 -38.39 9.73
N THR B 379 33.45 -37.98 9.39
CA THR B 379 33.67 -36.65 8.81
C THR B 379 33.99 -36.66 7.32
N GLU B 380 34.38 -37.81 6.74
CA GLU B 380 34.75 -37.92 5.33
C GLU B 380 35.93 -37.02 4.97
N ALA B 381 36.74 -36.67 5.97
CA ALA B 381 37.89 -35.79 5.77
C ALA B 381 38.97 -36.46 4.93
N ARG B 382 39.69 -35.66 4.17
CA ARG B 382 40.70 -36.13 3.25
C ARG B 382 42.01 -35.42 3.57
N PRO B 383 43.15 -35.99 3.16
CA PRO B 383 44.43 -35.31 3.41
C PRO B 383 44.47 -33.89 2.87
N GLY B 384 45.01 -32.97 3.68
CA GLY B 384 44.96 -31.57 3.38
C GLY B 384 43.83 -30.80 4.03
N ASP B 385 42.86 -31.48 4.63
CA ASP B 385 41.78 -30.79 5.30
C ASP B 385 42.18 -30.31 6.70
N THR B 386 41.39 -29.37 7.22
CA THR B 386 41.45 -28.92 8.61
C THR B 386 40.14 -29.24 9.33
N LEU B 387 40.23 -29.92 10.47
CA LEU B 387 39.07 -30.24 11.30
C LEU B 387 38.93 -29.22 12.42
N LEU B 388 37.71 -28.72 12.59
CA LEU B 388 37.36 -27.81 13.67
C LEU B 388 36.29 -28.44 14.56
N PHE B 389 36.39 -28.13 15.85
CA PHE B 389 35.49 -28.67 16.86
C PHE B 389 35.11 -27.59 17.84
N VAL B 390 33.84 -27.62 18.25
CA VAL B 390 33.32 -26.91 19.39
C VAL B 390 32.66 -27.91 20.32
N ALA B 391 33.02 -27.89 21.60
CA ALA B 391 32.43 -28.76 22.59
C ALA B 391 31.59 -27.94 23.57
N GLY B 392 30.39 -28.43 23.88
CA GLY B 392 29.52 -27.79 24.84
C GLY B 392 28.09 -28.29 24.78
N PRO B 393 27.18 -27.54 25.41
CA PRO B 393 25.74 -27.80 25.24
C PRO B 393 25.35 -27.81 23.76
N ARG B 394 24.34 -28.62 23.44
CA ARG B 394 24.02 -28.89 22.05
C ARG B 394 23.73 -27.62 21.23
N LYS B 395 22.92 -26.70 21.77
CA LYS B 395 22.57 -25.54 20.94
C LYS B 395 23.74 -24.59 20.72
N VAL B 396 24.57 -24.36 21.74
CA VAL B 396 25.77 -23.53 21.58
C VAL B 396 26.73 -24.13 20.56
N ALA B 397 27.06 -25.42 20.73
CA ALA B 397 28.05 -26.08 19.86
C ALA B 397 27.60 -26.03 18.41
N ALA B 398 26.32 -26.23 18.16
CA ALA B 398 25.80 -26.18 16.81
C ALA B 398 25.91 -24.75 16.28
N THR B 399 25.45 -23.80 17.08
CA THR B 399 25.38 -22.42 16.61
C THR B 399 26.78 -21.86 16.40
N ALA B 400 27.72 -22.20 17.28
CA ALA B 400 29.07 -21.67 17.14
C ALA B 400 29.76 -22.24 15.90
N LEU B 401 29.70 -23.56 15.70
CA LEU B 401 30.39 -24.10 14.54
C LEU B 401 29.64 -23.79 13.24
N GLY B 402 28.33 -23.52 13.31
CA GLY B 402 27.62 -23.07 12.12
C GLY B 402 28.03 -21.68 11.69
N ALA B 403 28.31 -20.79 12.65
CA ALA B 403 28.82 -19.48 12.31
C ALA B 403 30.25 -19.55 11.80
N VAL B 404 31.07 -20.44 12.37
CA VAL B 404 32.38 -20.71 11.80
C VAL B 404 32.24 -21.19 10.36
N ARG B 405 31.29 -22.09 10.12
CA ARG B 405 31.03 -22.61 8.78
C ARG B 405 30.73 -21.50 7.80
N LEU B 406 29.86 -20.56 8.20
CA LEU B 406 29.50 -19.46 7.31
C LEU B 406 30.70 -18.56 7.03
N ARG B 407 31.45 -18.20 8.06
CA ARG B 407 32.63 -17.36 7.88
C ARG B 407 33.65 -18.06 6.99
N ALA B 408 33.83 -19.37 7.19
CA ALA B 408 34.82 -20.12 6.43
C ALA B 408 34.50 -20.17 4.94
N ALA B 409 33.22 -20.14 4.57
CA ALA B 409 32.90 -20.10 3.15
C ALA B 409 33.49 -18.86 2.50
N ASP B 410 33.51 -17.75 3.23
CA ASP B 410 34.12 -16.54 2.70
C ASP B 410 35.64 -16.65 2.64
N LEU B 411 36.27 -17.07 3.75
CA LEU B 411 37.73 -17.29 3.73
C LEU B 411 38.19 -18.21 2.62
N LEU B 412 37.47 -19.31 2.35
CA LEU B 412 37.89 -20.23 1.30
C LEU B 412 37.51 -19.77 -0.11
N GLY B 413 36.77 -18.67 -0.23
CA GLY B 413 36.26 -18.23 -1.53
C GLY B 413 35.39 -19.24 -2.25
N LEU B 414 34.47 -19.89 -1.55
CA LEU B 414 33.53 -20.79 -2.22
C LEU B 414 32.56 -19.99 -3.09
N LYS B 415 32.33 -20.49 -4.30
CA LYS B 415 31.38 -19.87 -5.23
C LYS B 415 29.98 -20.32 -4.84
N ARG B 416 29.23 -19.41 -4.21
CA ARG B 416 27.84 -19.65 -3.82
C ARG B 416 26.95 -18.95 -4.83
N GLU B 417 26.10 -19.71 -5.53
CA GLU B 417 25.37 -19.20 -6.67
C GLU B 417 23.89 -19.51 -6.56
N GLY B 418 23.09 -18.69 -7.24
CA GLY B 418 21.69 -18.98 -7.40
C GLY B 418 20.86 -18.74 -6.14
N PHE B 419 19.66 -19.32 -6.15
CA PHE B 419 18.65 -19.05 -5.14
C PHE B 419 18.25 -20.39 -4.54
N ARG B 420 18.63 -20.61 -3.29
CA ARG B 420 18.34 -21.86 -2.59
C ARG B 420 17.34 -21.55 -1.48
N PHE B 421 16.06 -21.76 -1.77
CA PHE B 421 15.00 -21.64 -0.79
C PHE B 421 14.88 -22.92 0.05
N LEU B 422 14.36 -22.77 1.26
CA LEU B 422 13.97 -23.93 2.05
C LEU B 422 12.99 -23.49 3.12
N TRP B 423 12.13 -24.41 3.51
CA TRP B 423 11.27 -24.21 4.66
C TRP B 423 11.95 -24.78 5.89
N VAL B 424 11.80 -24.07 7.02
CA VAL B 424 12.15 -24.63 8.31
C VAL B 424 10.85 -24.75 9.09
N VAL B 425 10.56 -25.96 9.57
CA VAL B 425 9.25 -26.29 10.13
C VAL B 425 9.47 -26.97 11.48
N ASP B 426 8.35 -27.19 12.19
CA ASP B 426 8.35 -27.82 13.51
C ASP B 426 9.18 -27.03 14.52
N PHE B 427 9.03 -25.72 14.50
CA PHE B 427 9.67 -24.92 15.54
C PHE B 427 9.09 -25.31 16.90
N PRO B 428 9.90 -25.28 17.95
CA PRO B 428 9.33 -25.36 19.30
C PRO B 428 8.48 -24.13 19.57
N LEU B 429 7.52 -24.26 20.49
CA LEU B 429 6.71 -23.11 20.85
C LEU B 429 7.51 -22.09 21.64
N LEU B 430 8.51 -22.54 22.40
CA LEU B 430 9.31 -21.68 23.27
C LEU B 430 10.79 -21.78 22.91
N GLU B 431 11.48 -20.63 22.97
CA GLU B 431 12.92 -20.53 22.77
C GLU B 431 13.58 -20.17 24.09
N TRP B 432 14.73 -20.79 24.36
CA TRP B 432 15.46 -20.54 25.61
C TRP B 432 16.45 -19.41 25.41
N ASP B 433 16.25 -18.31 26.14
CA ASP B 433 17.20 -17.20 26.14
C ASP B 433 18.40 -17.60 26.99
N GLU B 434 19.52 -17.90 26.32
CA GLU B 434 20.73 -18.30 27.04
C GLU B 434 21.13 -17.24 28.07
N GLU B 435 21.01 -15.97 27.71
CA GLU B 435 21.36 -14.86 28.59
C GLU B 435 20.37 -14.75 29.75
N GLU B 436 19.16 -14.23 29.47
CA GLU B 436 18.18 -13.89 30.51
C GLU B 436 17.60 -15.12 31.27
N GLU B 437 18.05 -16.35 31.02
CA GLU B 437 17.60 -17.53 31.76
C GLU B 437 16.07 -17.64 31.76
N ALA B 438 15.47 -17.56 30.57
CA ALA B 438 14.02 -17.50 30.50
C ALA B 438 13.52 -18.16 29.21
N TRP B 439 12.23 -18.53 29.24
CA TRP B 439 11.51 -18.99 28.07
C TRP B 439 10.85 -17.81 27.39
N THR B 440 11.01 -17.72 26.07
CA THR B 440 10.30 -16.74 25.26
C THR B 440 9.80 -17.43 24.00
N TYR B 441 8.81 -16.82 23.36
CA TYR B 441 8.20 -17.40 22.16
C TYR B 441 9.00 -17.02 20.92
N MET B 442 9.27 -18.02 20.07
CA MET B 442 9.96 -17.76 18.80
C MET B 442 9.08 -16.97 17.84
N HIS B 443 7.82 -17.38 17.69
CA HIS B 443 6.82 -16.62 16.96
C HIS B 443 5.80 -16.04 17.94
N HIS B 444 5.03 -15.06 17.46
CA HIS B 444 4.08 -14.29 18.28
C HIS B 444 3.08 -15.20 18.98
N PRO B 445 2.37 -14.69 20.00
CA PRO B 445 1.58 -15.56 20.88
C PRO B 445 0.32 -16.17 20.27
N PHE B 446 -0.04 -15.85 19.03
CA PHE B 446 -1.23 -16.44 18.41
C PHE B 446 -0.91 -17.70 17.62
N THR B 447 0.33 -18.17 17.68
CA THR B 447 0.75 -19.37 16.99
C THR B 447 0.18 -20.60 17.68
N SER B 448 -0.41 -21.51 16.91
CA SER B 448 -1.02 -22.68 17.55
C SER B 448 0.05 -23.68 17.96
N PRO B 449 0.00 -24.21 19.19
CA PRO B 449 0.80 -25.39 19.48
C PRO B 449 0.34 -26.57 18.64
N HIS B 450 1.21 -27.56 18.52
CA HIS B 450 0.83 -28.79 17.87
C HIS B 450 -0.30 -29.44 18.67
N PRO B 451 -1.43 -29.78 18.03
CA PRO B 451 -2.56 -30.35 18.77
C PRO B 451 -2.24 -31.62 19.54
N GLU B 452 -1.30 -32.45 19.06
CA GLU B 452 -0.90 -33.62 19.85
C GLU B 452 -0.18 -33.24 21.13
N ASP B 453 0.34 -32.01 21.23
CA ASP B 453 1.14 -31.59 22.37
C ASP B 453 0.35 -30.80 23.41
N LEU B 454 -0.96 -30.66 23.25
CA LEU B 454 -1.73 -29.82 24.17
C LEU B 454 -1.59 -30.22 25.63
N PRO B 455 -1.66 -31.51 26.01
CA PRO B 455 -1.44 -31.84 27.43
C PRO B 455 -0.04 -31.53 27.95
N LEU B 456 0.92 -31.25 27.07
CA LEU B 456 2.25 -30.88 27.53
C LEU B 456 2.36 -29.41 27.89
N LEU B 457 1.34 -28.60 27.58
CA LEU B 457 1.39 -27.18 27.92
C LEU B 457 1.56 -26.98 29.42
N GLU B 458 0.88 -27.81 30.22
CA GLU B 458 0.99 -27.72 31.67
C GLU B 458 2.01 -28.70 32.24
N LYS B 459 2.29 -29.79 31.53
CA LYS B 459 3.18 -30.82 32.06
C LYS B 459 4.64 -30.51 31.74
N ASP B 460 4.95 -30.13 30.50
CA ASP B 460 6.33 -29.97 30.06
C ASP B 460 6.37 -28.99 28.89
N PRO B 461 6.30 -27.69 29.17
CA PRO B 461 6.17 -26.70 28.09
C PRO B 461 7.31 -26.72 27.08
N GLY B 462 8.52 -27.15 27.48
CA GLY B 462 9.65 -27.06 26.57
C GLY B 462 9.63 -28.09 25.45
N ARG B 463 8.86 -29.17 25.60
CA ARG B 463 8.71 -30.16 24.54
C ARG B 463 7.61 -29.80 23.54
N VAL B 464 6.87 -28.71 23.76
CA VAL B 464 5.71 -28.38 22.93
C VAL B 464 6.17 -27.87 21.59
N ARG B 465 5.71 -28.51 20.52
CA ARG B 465 5.94 -28.04 19.16
C ARG B 465 4.89 -27.01 18.77
N ALA B 466 5.27 -26.10 17.87
CA ALA B 466 4.34 -25.13 17.31
C ALA B 466 4.09 -25.46 15.85
N LEU B 467 2.93 -25.04 15.36
CA LEU B 467 2.62 -25.15 13.93
C LEU B 467 3.10 -23.90 13.19
N ALA B 468 4.40 -23.65 13.27
CA ALA B 468 5.05 -22.48 12.69
C ALA B 468 6.09 -22.90 11.67
N TYR B 469 6.48 -21.96 10.82
CA TYR B 469 7.36 -22.23 9.69
C TYR B 469 8.06 -20.94 9.29
N ASP B 470 9.31 -21.06 8.87
CA ASP B 470 10.08 -19.96 8.30
C ASP B 470 10.45 -20.31 6.86
N LEU B 471 10.43 -19.31 5.99
CA LEU B 471 10.94 -19.44 4.64
C LEU B 471 12.33 -18.80 4.59
N VAL B 472 13.32 -19.57 4.14
CA VAL B 472 14.72 -19.14 4.11
C VAL B 472 15.19 -19.10 2.67
N LEU B 473 15.92 -18.04 2.33
CA LEU B 473 16.56 -17.89 1.03
C LEU B 473 18.02 -17.54 1.25
N ASN B 474 18.92 -18.43 0.82
CA ASN B 474 20.35 -18.14 0.81
C ASN B 474 20.86 -17.74 2.19
N GLY B 475 20.40 -18.45 3.22
CA GLY B 475 20.79 -18.13 4.58
C GLY B 475 20.14 -16.90 5.17
N VAL B 476 19.02 -16.43 4.61
CA VAL B 476 18.32 -15.25 5.09
C VAL B 476 16.86 -15.60 5.29
N GLU B 477 16.29 -15.21 6.44
CA GLU B 477 14.87 -15.42 6.69
C GLU B 477 14.06 -14.44 5.86
N VAL B 478 13.34 -14.93 4.84
CA VAL B 478 12.50 -14.03 4.04
C VAL B 478 11.02 -14.16 4.34
N GLY B 479 10.60 -15.11 5.18
CA GLY B 479 9.21 -15.22 5.54
C GLY B 479 9.02 -16.04 6.78
N GLY B 480 7.90 -15.80 7.45
CA GLY B 480 7.57 -16.54 8.65
C GLY B 480 6.08 -16.50 8.89
N GLY B 481 5.54 -17.58 9.42
CA GLY B 481 4.11 -17.68 9.68
C GLY B 481 3.79 -18.89 10.54
N SER B 482 2.50 -19.16 10.70
CA SER B 482 2.04 -20.25 11.55
C SER B 482 0.55 -20.47 11.35
N ILE B 483 0.10 -21.65 11.77
CA ILE B 483 -1.33 -21.89 11.99
C ILE B 483 -1.71 -21.23 13.31
N ARG B 484 -2.88 -20.59 13.34
CA ARG B 484 -3.27 -19.80 14.50
C ARG B 484 -4.16 -20.60 15.46
N ILE B 485 -4.28 -20.09 16.67
CA ILE B 485 -5.25 -20.59 17.62
C ILE B 485 -6.61 -19.96 17.29
N HIS B 486 -7.63 -20.80 17.09
CA HIS B 486 -8.98 -20.29 16.88
C HIS B 486 -9.94 -20.61 18.01
N ASP B 487 -9.49 -21.34 19.04
CA ASP B 487 -10.33 -21.61 20.20
C ASP B 487 -10.01 -20.61 21.29
N PRO B 488 -10.99 -19.84 21.78
CA PRO B 488 -10.70 -18.83 22.81
C PRO B 488 -10.16 -19.40 24.11
N ARG B 489 -10.60 -20.59 24.50
CA ARG B 489 -10.03 -21.28 25.65
C ARG B 489 -8.52 -21.48 25.49
N LEU B 490 -8.12 -22.09 24.36
CA LEU B 490 -6.72 -22.39 24.13
C LEU B 490 -5.85 -21.14 24.05
N GLN B 491 -6.40 -20.05 23.49
CA GLN B 491 -5.60 -18.84 23.35
C GLN B 491 -5.32 -18.20 24.70
N ALA B 492 -6.28 -18.28 25.63
CA ALA B 492 -6.04 -17.81 26.99
C ALA B 492 -5.06 -18.72 27.70
N ARG B 493 -5.22 -20.02 27.53
CA ARG B 493 -4.29 -21.01 28.08
C ARG B 493 -2.86 -20.72 27.63
N VAL B 494 -2.67 -20.44 26.35
CA VAL B 494 -1.33 -20.15 25.85
C VAL B 494 -0.85 -18.77 26.33
N PHE B 495 -1.75 -17.80 26.51
CA PHE B 495 -1.37 -16.53 27.10
C PHE B 495 -0.88 -16.71 28.54
N ARG B 496 -1.60 -17.51 29.34
CA ARG B 496 -1.15 -17.81 30.70
C ARG B 496 0.25 -18.40 30.71
N LEU B 497 0.51 -19.36 29.81
CA LEU B 497 1.82 -19.97 29.74
C LEU B 497 2.89 -18.95 29.42
N LEU B 498 2.63 -18.05 28.49
CA LEU B 498 3.61 -17.03 28.17
C LEU B 498 3.75 -15.95 29.28
N GLY B 499 3.23 -16.15 30.49
CA GLY B 499 3.36 -15.16 31.54
C GLY B 499 2.53 -13.92 31.32
N ILE B 500 1.26 -14.10 30.94
CA ILE B 500 0.34 -13.00 30.64
C ILE B 500 -0.95 -13.27 31.40
N GLY B 501 -1.20 -12.52 32.47
CA GLY B 501 -2.39 -12.74 33.28
C GLY B 501 -3.65 -12.19 32.62
N GLU B 502 -4.78 -12.48 33.26
CA GLU B 502 -6.08 -12.08 32.71
C GLU B 502 -6.21 -10.57 32.55
N GLU B 503 -5.60 -9.80 33.46
CA GLU B 503 -5.64 -8.36 33.33
C GLU B 503 -4.92 -7.91 32.07
N GLU B 504 -3.72 -8.42 31.83
CA GLU B 504 -2.97 -8.04 30.65
C GLU B 504 -3.66 -8.54 29.37
N GLN B 505 -4.29 -9.71 29.43
CA GLN B 505 -4.99 -10.24 28.26
C GLN B 505 -6.12 -9.30 27.84
N ARG B 506 -6.93 -8.85 28.80
CA ARG B 506 -8.06 -7.99 28.49
C ARG B 506 -7.59 -6.64 27.92
N GLU B 507 -6.54 -6.08 28.51
CA GLU B 507 -6.09 -4.74 28.11
C GLU B 507 -5.39 -4.76 26.75
N LYS B 508 -4.68 -5.84 26.43
CA LYS B 508 -3.93 -5.88 25.18
C LYS B 508 -4.68 -6.56 24.05
N PHE B 509 -5.47 -7.59 24.36
CA PHE B 509 -6.06 -8.41 23.32
C PHE B 509 -7.53 -8.74 23.59
N GLY B 510 -8.17 -8.06 24.55
CA GLY B 510 -9.56 -8.39 24.88
C GLY B 510 -10.49 -8.40 23.69
N PHE B 511 -10.35 -7.42 22.79
CA PHE B 511 -11.22 -7.36 21.62
C PHE B 511 -11.03 -8.58 20.72
N PHE B 512 -9.80 -9.09 20.64
CA PHE B 512 -9.53 -10.23 19.75
C PHE B 512 -9.96 -11.53 20.39
N LEU B 513 -9.76 -11.67 21.71
CA LEU B 513 -10.24 -12.85 22.40
C LEU B 513 -11.77 -12.92 22.34
N GLU B 514 -12.43 -11.76 22.41
CA GLU B 514 -13.88 -11.76 22.28
C GLU B 514 -14.30 -12.20 20.89
N ALA B 515 -13.56 -11.77 19.86
CA ALA B 515 -13.84 -12.21 18.49
C ALA B 515 -13.76 -13.73 18.35
N LEU B 516 -12.86 -14.39 19.09
CA LEU B 516 -12.75 -15.84 19.00
C LEU B 516 -13.99 -16.56 19.52
N GLU B 517 -14.85 -15.90 20.28
CA GLU B 517 -16.04 -16.53 20.84
C GLU B 517 -17.23 -16.54 19.88
N TYR B 518 -17.09 -15.94 18.70
CA TYR B 518 -18.19 -15.85 17.74
C TYR B 518 -18.05 -16.79 16.57
N GLY B 519 -17.29 -17.88 16.71
CA GLY B 519 -17.18 -18.83 15.63
C GLY B 519 -16.02 -18.52 14.72
N ALA B 520 -14.79 -18.67 15.24
CA ALA B 520 -13.61 -18.41 14.45
C ALA B 520 -13.22 -19.68 13.69
N PRO B 521 -12.94 -19.60 12.39
CA PRO B 521 -12.56 -20.82 11.67
C PRO B 521 -11.11 -21.19 11.93
N PRO B 522 -10.72 -22.42 11.64
CA PRO B 522 -9.29 -22.71 11.54
C PRO B 522 -8.67 -21.80 10.49
N HIS B 523 -7.52 -21.22 10.80
CA HIS B 523 -6.85 -20.36 9.84
C HIS B 523 -5.35 -20.34 10.13
N GLY B 524 -4.61 -19.85 9.15
CA GLY B 524 -3.15 -19.76 9.21
C GLY B 524 -2.65 -18.83 8.12
N GLY B 525 -1.39 -18.44 8.23
CA GLY B 525 -0.86 -17.52 7.24
C GLY B 525 0.63 -17.34 7.32
N ILE B 526 1.10 -16.28 6.65
CA ILE B 526 2.53 -16.02 6.55
C ILE B 526 2.70 -14.56 6.18
N ALA B 527 3.93 -14.06 6.34
CA ALA B 527 4.31 -12.77 5.78
C ALA B 527 5.73 -12.87 5.23
N TRP B 528 5.93 -12.35 4.04
CA TRP B 528 7.26 -12.23 3.45
C TRP B 528 7.86 -10.89 3.84
N GLY B 529 9.18 -10.85 3.97
CA GLY B 529 9.90 -9.59 4.02
C GLY B 529 10.24 -9.13 2.62
N LEU B 530 9.41 -8.26 2.05
CA LEU B 530 9.52 -7.97 0.62
C LEU B 530 10.82 -7.23 0.29
N ASP B 531 11.18 -6.25 1.12
CA ASP B 531 12.47 -5.57 0.92
C ASP B 531 13.62 -6.56 0.99
N ARG B 532 13.58 -7.47 1.98
CA ARG B 532 14.64 -8.46 2.09
C ARG B 532 14.74 -9.32 0.84
N LEU B 533 13.59 -9.79 0.35
CA LEU B 533 13.58 -10.64 -0.85
C LEU B 533 14.15 -9.89 -2.05
N LEU B 534 13.72 -8.65 -2.27
CA LEU B 534 14.18 -7.88 -3.43
C LEU B 534 15.68 -7.62 -3.37
N ALA B 535 16.20 -7.36 -2.17
CA ALA B 535 17.65 -7.22 -1.99
C ALA B 535 18.38 -8.47 -2.42
N LEU B 536 17.87 -9.65 -2.06
CA LEU B 536 18.49 -10.90 -2.49
C LEU B 536 18.36 -11.09 -3.99
N MET B 537 17.18 -10.80 -4.54
CA MET B 537 16.95 -10.98 -5.98
C MET B 537 17.88 -10.12 -6.82
N THR B 538 18.30 -8.97 -6.30
CA THR B 538 19.16 -8.06 -7.06
C THR B 538 20.62 -8.13 -6.63
N GLY B 539 20.98 -9.04 -5.73
CA GLY B 539 22.33 -9.06 -5.19
C GLY B 539 22.73 -7.76 -4.52
N SER B 540 21.74 -7.05 -3.85
CA SER B 540 22.14 -5.80 -3.21
C SER B 540 22.66 -6.06 -1.79
N PRO B 541 23.64 -5.27 -1.34
CA PRO B 541 24.17 -5.48 0.02
C PRO B 541 23.23 -5.00 1.12
N SER B 542 22.21 -4.21 0.80
CA SER B 542 21.33 -3.65 1.81
C SER B 542 19.96 -3.40 1.20
N ILE B 543 18.92 -3.48 2.03
CA ILE B 543 17.57 -3.20 1.54
C ILE B 543 17.38 -1.75 1.14
N ARG B 544 18.33 -0.86 1.49
CA ARG B 544 18.28 0.52 1.06
C ARG B 544 18.38 0.67 -0.46
N GLU B 545 18.96 -0.32 -1.14
CA GLU B 545 19.10 -0.29 -2.59
C GLU B 545 17.80 -0.61 -3.33
N VAL B 546 16.78 -1.13 -2.65
CA VAL B 546 15.52 -1.50 -3.29
C VAL B 546 14.34 -0.73 -2.70
N ILE B 547 14.61 0.33 -1.97
CA ILE B 547 13.59 1.20 -1.40
C ILE B 547 13.82 2.57 -2.01
N ALA B 548 12.75 3.21 -2.49
CA ALA B 548 12.92 4.45 -3.23
C ALA B 548 13.58 5.53 -2.39
N PHE B 549 12.99 5.83 -1.22
CA PHE B 549 13.50 6.86 -0.33
C PHE B 549 13.67 6.31 1.08
N PRO B 550 14.75 5.55 1.32
CA PRO B 550 14.94 4.90 2.62
C PRO B 550 15.60 5.81 3.63
N LYS B 551 15.60 5.35 4.89
CA LYS B 551 16.38 6.01 5.92
C LYS B 551 17.83 5.55 5.85
N ASN B 552 18.73 6.28 6.53
CA ASN B 552 20.09 5.81 6.70
C ASN B 552 20.13 4.80 7.86
N LYS B 553 21.32 4.43 8.33
CA LYS B 553 21.43 3.37 9.34
C LYS B 553 20.92 3.80 10.70
N GLU B 554 20.86 5.10 11.00
CA GLU B 554 20.30 5.57 12.25
C GLU B 554 18.84 5.99 12.10
N GLY B 555 18.17 5.55 11.04
CA GLY B 555 16.76 5.85 10.90
C GLY B 555 16.47 7.32 10.65
N LYS B 556 17.48 8.08 10.20
CA LYS B 556 17.30 9.48 9.83
C LYS B 556 17.23 9.63 8.32
N ASP B 557 16.58 10.71 7.88
CA ASP B 557 16.36 10.97 6.45
C ASP B 557 17.19 12.16 5.99
N PRO B 558 18.37 11.94 5.39
CA PRO B 558 19.19 13.08 4.96
C PRO B 558 18.55 13.93 3.88
N LEU B 559 17.64 13.34 3.08
CA LEU B 559 17.02 14.11 2.02
C LEU B 559 16.12 15.20 2.57
N THR B 560 15.28 14.88 3.57
CA THR B 560 14.29 15.85 4.04
C THR B 560 14.65 16.50 5.37
N GLY B 561 15.63 15.96 6.10
CA GLY B 561 15.92 16.44 7.43
C GLY B 561 15.10 15.80 8.55
N ALA B 562 14.22 14.86 8.25
CA ALA B 562 13.53 14.15 9.30
C ALA B 562 14.50 13.21 10.02
N PRO B 563 14.29 12.97 11.34
CA PRO B 563 13.30 13.63 12.18
C PRO B 563 13.83 14.96 12.66
N SER B 564 12.93 15.86 13.07
CA SER B 564 13.29 17.25 13.30
C SER B 564 12.44 17.76 14.44
N PRO B 565 12.80 18.90 15.04
CA PRO B 565 11.93 19.51 16.04
C PRO B 565 10.65 19.99 15.39
N VAL B 566 9.66 20.29 16.23
CA VAL B 566 8.42 20.93 15.79
C VAL B 566 8.26 22.20 16.61
N PRO B 567 7.50 23.18 16.10
CA PRO B 567 7.29 24.41 16.86
C PRO B 567 6.78 24.13 18.27
N GLU B 568 7.30 24.90 19.24
CA GLU B 568 6.82 24.76 20.61
C GLU B 568 5.30 24.88 20.68
N GLU B 569 4.72 25.75 19.83
CA GLU B 569 3.26 25.88 19.78
C GLU B 569 2.61 24.56 19.43
N GLN B 570 3.12 23.87 18.39
CA GLN B 570 2.51 22.61 18.00
C GLN B 570 2.61 21.58 19.12
N LEU B 571 3.76 21.49 19.78
CA LEU B 571 3.92 20.49 20.82
C LEU B 571 3.01 20.75 22.01
N ARG B 572 2.73 22.03 22.32
CA ARG B 572 1.81 22.30 23.42
C ARG B 572 0.38 21.94 23.05
N GLU B 573 0.02 22.03 21.77
CA GLU B 573 -1.33 21.65 21.36
C GLU B 573 -1.60 20.18 21.63
N LEU B 574 -0.57 19.34 21.53
CA LEU B 574 -0.70 17.93 21.86
C LEU B 574 -0.75 17.68 23.37
N GLY B 575 -0.50 18.69 24.20
CA GLY B 575 -0.48 18.47 25.63
C GLY B 575 0.69 17.65 26.13
N LEU B 576 1.79 17.60 25.38
CA LEU B 576 3.00 16.92 25.78
C LEU B 576 4.16 17.91 25.85
N MET B 577 5.15 17.55 26.66
CA MET B 577 6.41 18.30 26.73
C MET B 577 7.56 17.32 26.82
N VAL B 578 8.73 17.79 26.41
CA VAL B 578 9.95 16.98 26.46
C VAL B 578 10.53 17.08 27.88
N VAL B 579 10.84 15.93 28.47
CA VAL B 579 11.30 15.91 29.85
C VAL B 579 12.74 16.42 29.91
N ARG B 580 13.06 17.13 30.98
CA ARG B 580 14.37 17.75 31.11
C ARG B 580 15.37 16.75 31.66
N PRO B 581 16.54 16.59 31.02
CA PRO B 581 17.58 15.71 31.56
C PRO B 581 18.14 16.25 32.87
#